data_1DII
#
_entry.id   1DII
#
_cell.length_a   140.3
_cell.length_b   130.6
_cell.length_c   74.1
_cell.angle_alpha   90.00
_cell.angle_beta   90.00
_cell.angle_gamma   90.00
#
_symmetry.space_group_name_H-M   'P 21 21 21'
#
loop_
_entity.id
_entity.type
_entity.pdbx_description
1 polymer 'P-CRESOL METHYLHYDROXYLASE'
2 polymer 'P-CRESOL METHYLHYDROXYLASE'
3 non-polymer 'CHLORIDE ION'
4 non-polymer 'FLAVIN-ADENINE DINUCLEOTIDE'
5 non-polymer 'HEME C'
6 water water
#
loop_
_entity_poly.entity_id
_entity_poly.type
_entity_poly.pdbx_seq_one_letter_code
_entity_poly.pdbx_strand_id
1 'polypeptide(L)'
;MSEQNNAVLPKGVTQGEFNKAVQKFRALLGDDNVLVESDQLVPYNKIMMPVENAAHAPSAAVTATTVEQVQGVVKICNEH
KIPIWTISTGRNFGYGSAAPVQRGQVILDLKKMNKIIKIDPEMCYALVEPGVTFGQMYDYIQENNLPVMLSFSAPSAIAG
PVGNTMDRGVGYTPYGEHFMMQCGMEVVLANGDVYRTGMGGVPGSNTWQIFKWGYGPTLDGMFTQANYGICTKMGFWLMP
KPPVFKPFEVIFEDEADIVEIVDALRPLRMSNTIPNSVVIASTLWEAGSAHLTRAQYTTEPGHTPDSVIKQMQKDTGMGA
WNLYAALYGTQEQVDVNWKIVTDVFKKLGKGRIVTQEEAGDTQPFKYRAQLMSGVPNLQEFGLYNWRGGGGSMWFAPVSE
ARGSECKKQAAMAKRVLHKYGLDYVAEFIVAPRDMHHVIDVLYDRTNPEETKRADACFNELLDEFEKEGYAVYRVNTRFQ
DRVAQSYGPVKRKLEHAIKRAVDPNNILAPGRSGIDLNNDF
;
A,B
2 'polypeptide(L)' DSQWGSGKNLYDKVCGHCHKPEVGVGPVLEGRGLPEAYIKDIVRNGFRAMPAFPASYVDDESLTQVAEYLSSLPAPAAQP C,D
#
loop_
_chem_comp.id
_chem_comp.type
_chem_comp.name
_chem_comp.formula
CL non-polymer 'CHLORIDE ION' 'Cl -1'
FAD non-polymer 'FLAVIN-ADENINE DINUCLEOTIDE' 'C27 H33 N9 O15 P2'
HEC non-polymer 'HEME C' 'C34 H34 Fe N4 O4'
#
# COMPACT_ATOMS: atom_id res chain seq x y z
N ALA A 7 -27.27 34.62 -9.64
CA ALA A 7 -25.82 34.53 -9.99
C ALA A 7 -25.43 33.07 -10.28
N VAL A 8 -24.32 32.61 -9.69
CA VAL A 8 -23.83 31.24 -9.87
C VAL A 8 -24.57 30.30 -8.90
N LEU A 9 -25.19 29.27 -9.47
CA LEU A 9 -25.98 28.30 -8.74
C LEU A 9 -25.61 26.84 -9.10
N PRO A 10 -25.80 25.87 -8.15
CA PRO A 10 -25.48 24.46 -8.42
C PRO A 10 -26.40 23.86 -9.48
N LYS A 11 -25.84 22.93 -10.27
CA LYS A 11 -26.55 22.25 -11.34
C LYS A 11 -27.75 21.43 -10.80
N GLY A 12 -28.95 21.92 -11.09
CA GLY A 12 -30.17 21.26 -10.65
C GLY A 12 -30.84 21.85 -9.42
N VAL A 13 -30.18 22.83 -8.79
CA VAL A 13 -30.70 23.49 -7.60
C VAL A 13 -31.26 24.87 -7.94
N THR A 14 -32.48 25.14 -7.46
CA THR A 14 -33.19 26.42 -7.67
C THR A 14 -32.74 27.45 -6.63
N GLN A 15 -32.96 28.73 -6.93
CA GLN A 15 -32.55 29.84 -6.04
C GLN A 15 -33.14 29.75 -4.63
N GLY A 16 -34.39 29.31 -4.53
CA GLY A 16 -35.07 29.18 -3.25
C GLY A 16 -34.54 28.05 -2.41
N GLU A 17 -34.28 26.91 -3.07
CA GLU A 17 -33.75 25.70 -2.43
C GLU A 17 -32.29 25.94 -1.96
N PHE A 18 -31.55 26.75 -2.72
CA PHE A 18 -30.17 27.12 -2.40
C PHE A 18 -30.17 28.06 -1.19
N ASN A 19 -31.19 28.94 -1.13
CA ASN A 19 -31.34 29.90 -0.05
C ASN A 19 -31.69 29.27 1.29
N LYS A 20 -32.43 28.15 1.25
CA LYS A 20 -32.81 27.43 2.47
C LYS A 20 -31.54 26.78 3.02
N ALA A 21 -30.72 26.23 2.11
CA ALA A 21 -29.45 25.58 2.43
C ALA A 21 -28.46 26.54 3.05
N VAL A 22 -28.30 27.72 2.43
CA VAL A 22 -27.39 28.76 2.93
C VAL A 22 -27.86 29.28 4.30
N GLN A 23 -29.17 29.22 4.55
CA GLN A 23 -29.75 29.65 5.81
C GLN A 23 -29.36 28.67 6.93
N LYS A 24 -29.43 27.37 6.61
CA LYS A 24 -29.06 26.31 7.55
C LYS A 24 -27.55 26.27 7.79
N PHE A 25 -26.76 26.60 6.75
CA PHE A 25 -25.29 26.64 6.85
C PHE A 25 -24.87 27.71 7.85
N ARG A 26 -25.57 28.85 7.82
CA ARG A 26 -25.31 29.99 8.69
C ARG A 26 -25.62 29.68 10.15
N ALA A 27 -26.78 29.04 10.38
CA ALA A 27 -27.24 28.66 11.72
C ALA A 27 -26.29 27.66 12.42
N LEU A 28 -25.71 26.76 11.63
CA LEU A 28 -24.79 25.73 12.09
C LEU A 28 -23.36 26.23 12.32
N LEU A 29 -22.84 26.96 11.34
CA LEU A 29 -21.47 27.44 11.37
C LEU A 29 -21.19 28.86 11.85
N GLY A 30 -22.17 29.75 11.66
CA GLY A 30 -22.01 31.15 12.02
C GLY A 30 -22.06 31.94 10.72
N ASP A 31 -21.98 33.27 10.81
CA ASP A 31 -22.05 34.10 9.61
C ASP A 31 -20.71 34.25 8.91
N ASP A 32 -19.64 34.37 9.70
CA ASP A 32 -18.28 34.52 9.16
C ASP A 32 -17.65 33.23 8.61
N ASN A 33 -18.39 32.14 8.66
CA ASN A 33 -17.94 30.84 8.17
C ASN A 33 -18.65 30.44 6.87
N VAL A 34 -19.62 31.25 6.46
CA VAL A 34 -20.38 31.02 5.21
C VAL A 34 -20.10 32.20 4.28
N LEU A 35 -19.50 31.91 3.14
CA LEU A 35 -19.12 32.90 2.14
C LEU A 35 -19.99 32.78 0.89
N VAL A 36 -20.76 33.83 0.56
CA VAL A 36 -21.64 33.83 -0.63
C VAL A 36 -21.44 35.00 -1.59
N GLU A 37 -20.62 35.97 -1.17
CA GLU A 37 -20.34 37.16 -1.97
C GLU A 37 -19.14 36.96 -2.90
N SER A 38 -19.24 37.51 -4.11
CA SER A 38 -18.21 37.41 -5.15
C SER A 38 -16.80 37.79 -4.75
N ASP A 39 -16.67 38.83 -3.91
CA ASP A 39 -15.37 39.32 -3.46
C ASP A 39 -14.60 38.40 -2.50
N GLN A 40 -15.33 37.53 -1.80
CA GLN A 40 -14.72 36.59 -0.85
C GLN A 40 -14.59 35.18 -1.47
N LEU A 41 -15.26 35.00 -2.61
CA LEU A 41 -15.28 33.76 -3.36
C LEU A 41 -14.26 33.77 -4.48
N VAL A 42 -13.83 34.97 -4.87
CA VAL A 42 -12.88 35.12 -5.97
C VAL A 42 -11.50 34.41 -5.80
N PRO A 43 -10.92 34.35 -4.57
CA PRO A 43 -9.63 33.66 -4.47
C PRO A 43 -9.62 32.13 -4.66
N TYR A 44 -10.80 31.53 -4.63
CA TYR A 44 -10.94 30.09 -4.82
C TYR A 44 -10.98 29.78 -6.31
N ASN A 45 -11.40 30.77 -7.09
CA ASN A 45 -11.55 30.68 -8.55
C ASN A 45 -10.26 30.72 -9.38
N LYS A 46 -9.15 31.22 -8.81
CA LYS A 46 -7.86 31.32 -9.53
C LYS A 46 -7.36 29.94 -10.03
N ILE A 47 -7.34 29.79 -11.37
CA ILE A 47 -6.92 28.56 -12.05
C ILE A 47 -5.89 28.83 -13.14
N MET A 48 -5.06 27.82 -13.42
CA MET A 48 -4.01 27.89 -14.43
C MET A 48 -4.40 27.04 -15.65
N MET A 49 -5.68 26.68 -15.70
CA MET A 49 -6.26 25.87 -16.78
C MET A 49 -6.72 26.76 -17.95
N PRO A 50 -6.62 26.24 -19.20
CA PRO A 50 -7.01 26.97 -20.42
C PRO A 50 -8.52 27.05 -20.64
N VAL A 51 -9.20 27.70 -19.69
CA VAL A 51 -10.65 27.88 -19.70
C VAL A 51 -10.94 29.09 -18.83
N GLU A 52 -12.07 29.73 -19.10
CA GLU A 52 -12.49 30.91 -18.35
C GLU A 52 -12.93 30.49 -16.95
N ASN A 53 -12.71 31.39 -16.00
CA ASN A 53 -13.06 31.20 -14.59
C ASN A 53 -14.49 30.74 -14.29
N ALA A 54 -15.43 31.22 -15.11
CA ALA A 54 -16.87 30.92 -14.98
C ALA A 54 -17.22 29.45 -14.99
N ALA A 55 -16.38 28.66 -15.66
CA ALA A 55 -16.55 27.22 -15.78
C ALA A 55 -16.27 26.42 -14.50
N HIS A 56 -15.49 27.03 -13.60
CA HIS A 56 -15.12 26.41 -12.32
C HIS A 56 -15.34 27.36 -11.16
N ALA A 57 -16.40 28.16 -11.28
CA ALA A 57 -16.77 29.13 -10.27
C ALA A 57 -17.68 28.50 -9.24
N PRO A 58 -17.34 28.68 -7.94
CA PRO A 58 -18.16 28.12 -6.87
C PRO A 58 -19.38 29.00 -6.54
N SER A 59 -20.44 28.37 -6.03
CA SER A 59 -21.65 29.09 -5.65
C SER A 59 -21.50 29.69 -4.26
N ALA A 60 -20.84 28.94 -3.38
CA ALA A 60 -20.59 29.37 -2.01
C ALA A 60 -19.30 28.72 -1.49
N ALA A 61 -18.95 29.02 -0.25
CA ALA A 61 -17.78 28.45 0.42
C ALA A 61 -18.00 28.44 1.92
N VAL A 62 -18.02 27.24 2.50
CA VAL A 62 -18.18 27.08 3.94
C VAL A 62 -16.88 26.61 4.57
N THR A 63 -16.61 27.08 5.78
CA THR A 63 -15.42 26.67 6.50
C THR A 63 -15.77 25.98 7.83
N ALA A 64 -15.48 24.67 7.91
CA ALA A 64 -15.73 23.87 9.10
C ALA A 64 -14.44 23.75 9.91
N THR A 65 -14.57 23.56 11.22
CA THR A 65 -13.41 23.42 12.13
C THR A 65 -13.42 22.13 12.92
N THR A 66 -14.59 21.51 13.02
CA THR A 66 -14.78 20.26 13.75
C THR A 66 -15.45 19.21 12.87
N VAL A 67 -15.32 17.94 13.25
CA VAL A 67 -15.92 16.79 12.56
C VAL A 67 -17.46 16.89 12.62
N GLU A 68 -17.97 17.38 13.76
CA GLU A 68 -19.43 17.53 13.99
C GLU A 68 -20.05 18.51 12.99
N GLN A 69 -19.27 19.53 12.63
CA GLN A 69 -19.67 20.55 11.66
C GLN A 69 -19.74 19.98 10.25
N VAL A 70 -18.76 19.12 9.91
CA VAL A 70 -18.69 18.42 8.61
C VAL A 70 -19.90 17.48 8.46
N GLN A 71 -20.28 16.86 9.59
CA GLN A 71 -21.44 15.97 9.64
C GLN A 71 -22.72 16.77 9.44
N GLY A 72 -22.70 18.00 9.94
CA GLY A 72 -23.83 18.91 9.82
C GLY A 72 -23.98 19.40 8.40
N VAL A 73 -22.84 19.75 7.80
CA VAL A 73 -22.78 20.21 6.41
C VAL A 73 -23.34 19.15 5.43
N VAL A 74 -22.92 17.88 5.57
CA VAL A 74 -23.41 16.83 4.65
C VAL A 74 -24.89 16.51 4.85
N LYS A 75 -25.38 16.70 6.08
CA LYS A 75 -26.77 16.48 6.46
C LYS A 75 -27.65 17.49 5.70
N ILE A 76 -27.20 18.76 5.72
CA ILE A 76 -27.86 19.86 5.03
C ILE A 76 -27.77 19.67 3.53
N CYS A 77 -26.61 19.21 3.05
CA CYS A 77 -26.38 18.98 1.63
C CYS A 77 -27.26 17.87 1.07
N ASN A 78 -27.62 16.91 1.92
CA ASN A 78 -28.50 15.80 1.50
C ASN A 78 -29.93 16.25 1.39
N GLU A 79 -30.31 17.20 2.27
CA GLU A 79 -31.67 17.73 2.30
C GLU A 79 -32.04 18.53 1.06
N HIS A 80 -31.11 19.39 0.64
CA HIS A 80 -31.32 20.27 -0.51
C HIS A 80 -30.49 19.95 -1.75
N LYS A 81 -30.03 18.70 -1.86
CA LYS A 81 -29.20 18.17 -2.96
C LYS A 81 -28.07 19.11 -3.46
N ILE A 82 -27.34 19.69 -2.50
CA ILE A 82 -26.24 20.63 -2.76
C ILE A 82 -24.88 19.91 -2.98
N PRO A 83 -24.29 20.02 -4.19
CA PRO A 83 -23.00 19.41 -4.52
C PRO A 83 -21.85 20.12 -3.79
N ILE A 84 -21.08 19.34 -3.03
CA ILE A 84 -20.00 19.89 -2.23
C ILE A 84 -18.60 19.42 -2.69
N TRP A 85 -17.68 20.37 -2.85
CA TRP A 85 -16.30 20.09 -3.29
C TRP A 85 -15.37 20.34 -2.13
N THR A 86 -14.71 19.28 -1.65
CA THR A 86 -13.82 19.41 -0.51
C THR A 86 -12.36 19.70 -0.83
N ILE A 87 -11.81 20.67 -0.12
CA ILE A 87 -10.39 21.04 -0.24
C ILE A 87 -9.79 21.10 1.18
N SER A 88 -8.48 20.91 1.28
CA SER A 88 -7.77 20.93 2.54
C SER A 88 -6.95 22.18 2.59
N THR A 89 -5.79 22.17 1.91
CA THR A 89 -4.93 23.36 1.82
C THR A 89 -5.17 24.05 0.46
N GLY A 90 -5.79 23.32 -0.47
CA GLY A 90 -6.19 23.83 -1.79
C GLY A 90 -5.14 24.41 -2.71
N ARG A 91 -3.90 23.95 -2.58
CA ARG A 91 -2.79 24.44 -3.39
C ARG A 91 -2.48 23.49 -4.56
N ASN A 92 -3.52 22.97 -5.19
CA ASN A 92 -3.37 22.02 -6.30
C ASN A 92 -3.11 22.61 -7.68
N PHE A 93 -2.03 23.41 -7.76
CA PHE A 93 -1.59 24.10 -8.98
C PHE A 93 -1.27 23.18 -10.14
N GLY A 94 -1.95 23.42 -11.27
CA GLY A 94 -1.77 22.61 -12.45
C GLY A 94 -2.71 21.42 -12.43
N TYR A 95 -3.53 21.32 -11.38
CA TYR A 95 -4.50 20.23 -11.24
C TYR A 95 -5.94 20.70 -10.97
N GLY A 96 -6.15 22.00 -10.91
CA GLY A 96 -7.49 22.51 -10.67
C GLY A 96 -7.52 23.57 -9.61
N SER A 97 -6.41 23.64 -8.85
CA SER A 97 -6.25 24.56 -7.72
C SER A 97 -7.29 24.27 -6.62
N ALA A 98 -8.01 25.30 -6.18
CA ALA A 98 -9.01 25.15 -5.13
C ALA A 98 -10.43 25.18 -5.70
N ALA A 99 -10.52 25.39 -7.01
CA ALA A 99 -11.79 25.51 -7.73
C ALA A 99 -12.47 24.17 -8.02
N PRO A 100 -13.82 24.12 -7.95
CA PRO A 100 -14.60 22.89 -8.20
C PRO A 100 -14.38 22.27 -9.56
N VAL A 101 -14.80 21.02 -9.68
CA VAL A 101 -14.70 20.29 -10.94
C VAL A 101 -15.85 20.74 -11.87
N GLN A 102 -16.95 21.17 -11.27
CA GLN A 102 -18.13 21.63 -12.00
C GLN A 102 -18.61 22.95 -11.46
N ARG A 103 -19.12 23.79 -12.37
CA ARG A 103 -19.63 25.12 -12.06
C ARG A 103 -20.78 25.04 -11.06
N GLY A 104 -20.68 25.85 -10.01
CA GLY A 104 -21.73 25.94 -9.02
C GLY A 104 -21.70 25.13 -7.74
N GLN A 105 -20.69 24.28 -7.56
CA GLN A 105 -20.62 23.48 -6.33
C GLN A 105 -20.16 24.37 -5.18
N VAL A 106 -20.51 23.98 -3.96
CA VAL A 106 -20.13 24.70 -2.76
C VAL A 106 -18.79 24.13 -2.34
N ILE A 107 -17.90 25.00 -1.90
CA ILE A 107 -16.58 24.56 -1.45
C ILE A 107 -16.55 24.32 0.06
N LEU A 108 -16.21 23.09 0.46
CA LEU A 108 -16.02 22.79 1.86
C LEU A 108 -14.50 23.01 2.06
N ASP A 109 -14.18 24.17 2.60
CA ASP A 109 -12.81 24.58 2.86
C ASP A 109 -12.47 24.19 4.30
N LEU A 110 -11.57 23.21 4.42
CA LEU A 110 -11.15 22.73 5.73
C LEU A 110 -9.79 23.25 6.13
N LYS A 111 -9.44 24.46 5.66
CA LYS A 111 -8.14 25.06 5.96
C LYS A 111 -7.99 25.40 7.43
N LYS A 112 -9.11 25.79 8.04
CA LYS A 112 -9.14 26.17 9.44
C LYS A 112 -9.09 25.01 10.44
N MET A 113 -9.38 23.80 9.94
CA MET A 113 -9.32 22.54 10.70
C MET A 113 -7.83 22.18 10.60
N ASN A 114 -6.99 22.91 11.33
CA ASN A 114 -5.54 22.77 11.27
C ASN A 114 -4.74 22.32 12.50
N LYS A 115 -5.26 21.34 13.23
CA LYS A 115 -4.57 20.85 14.43
C LYS A 115 -3.64 19.64 14.18
N ILE A 116 -2.39 19.75 14.64
CA ILE A 116 -1.41 18.64 14.57
C ILE A 116 -1.76 17.83 15.81
N ILE A 117 -2.44 16.71 15.62
CA ILE A 117 -2.89 15.88 16.74
C ILE A 117 -1.80 15.14 17.53
N LYS A 118 -0.81 14.59 16.83
CA LYS A 118 0.28 13.85 17.47
C LYS A 118 1.42 13.62 16.50
N ILE A 119 2.65 13.78 16.99
CA ILE A 119 3.86 13.48 16.23
C ILE A 119 4.65 12.66 17.22
N ASP A 120 4.70 11.35 16.98
CA ASP A 120 5.44 10.42 17.83
C ASP A 120 6.89 10.40 17.32
N PRO A 121 7.86 10.84 18.15
CA PRO A 121 9.26 10.84 17.70
C PRO A 121 9.96 9.49 17.80
N GLU A 122 9.34 8.54 18.52
CA GLU A 122 9.89 7.19 18.71
C GLU A 122 9.36 6.20 17.69
N MET A 123 8.03 6.19 17.53
CA MET A 123 7.40 5.31 16.55
C MET A 123 7.43 5.91 15.15
N CYS A 124 7.75 7.20 15.10
CA CYS A 124 7.87 7.98 13.87
C CYS A 124 6.64 8.04 12.98
N TYR A 125 5.64 8.75 13.47
CA TYR A 125 4.39 8.97 12.76
C TYR A 125 3.78 10.31 13.11
N ALA A 126 2.79 10.71 12.32
CA ALA A 126 2.09 11.95 12.57
C ALA A 126 0.61 11.72 12.27
N LEU A 127 -0.25 12.33 13.08
CA LEU A 127 -1.71 12.27 12.86
C LEU A 127 -2.10 13.71 12.83
N VAL A 128 -2.55 14.15 11.65
CA VAL A 128 -2.95 15.54 11.42
C VAL A 128 -4.34 15.73 10.89
N GLU A 129 -4.76 16.99 10.86
CA GLU A 129 -6.06 17.41 10.37
C GLU A 129 -5.79 18.03 8.98
N PRO A 130 -6.83 18.15 8.10
CA PRO A 130 -6.70 18.70 6.74
C PRO A 130 -5.98 20.01 6.49
N GLY A 131 -6.23 20.99 7.35
CA GLY A 131 -5.62 22.31 7.21
C GLY A 131 -4.14 22.44 7.55
N VAL A 132 -3.53 21.45 8.19
CA VAL A 132 -2.11 21.49 8.55
C VAL A 132 -1.27 21.57 7.29
N THR A 133 -0.36 22.53 7.28
CA THR A 133 0.55 22.68 6.14
C THR A 133 1.89 22.04 6.49
N PHE A 134 2.70 21.77 5.47
CA PHE A 134 4.05 21.23 5.68
C PHE A 134 4.92 22.25 6.40
N GLY A 135 4.61 23.54 6.20
CA GLY A 135 5.31 24.63 6.86
C GLY A 135 5.06 24.63 8.35
N GLN A 136 3.80 24.38 8.72
CA GLN A 136 3.34 24.32 10.10
C GLN A 136 4.02 23.16 10.81
N MET A 137 4.14 22.02 10.11
CA MET A 137 4.78 20.80 10.60
C MET A 137 6.28 20.96 10.77
N TYR A 138 6.91 21.66 9.84
CA TYR A 138 8.36 21.90 9.89
C TYR A 138 8.73 22.78 11.08
N ASP A 139 7.91 23.79 11.39
CA ASP A 139 8.15 24.69 12.52
C ASP A 139 8.09 23.88 13.81
N TYR A 140 7.01 23.11 13.97
CA TYR A 140 6.77 22.24 15.13
C TYR A 140 7.94 21.26 15.33
N ILE A 141 8.48 20.74 14.23
CA ILE A 141 9.60 19.82 14.30
C ILE A 141 10.89 20.53 14.70
N GLN A 142 11.10 21.76 14.20
CA GLN A 142 12.30 22.54 14.52
C GLN A 142 12.28 23.14 15.91
N GLU A 143 11.09 23.53 16.37
CA GLU A 143 10.89 24.12 17.69
C GLU A 143 11.08 23.04 18.77
N ASN A 144 10.39 21.91 18.60
CA ASN A 144 10.44 20.82 19.57
C ASN A 144 11.60 19.81 19.46
N ASN A 145 12.56 20.11 18.58
CA ASN A 145 13.76 19.29 18.34
C ASN A 145 13.58 17.77 18.10
N LEU A 146 12.53 17.43 17.33
CA LEU A 146 12.18 16.05 17.00
C LEU A 146 13.09 15.47 15.92
N PRO A 147 13.62 14.24 16.12
CA PRO A 147 14.51 13.63 15.11
C PRO A 147 13.77 12.97 13.93
N VAL A 148 12.82 13.70 13.37
CA VAL A 148 12.08 13.21 12.20
C VAL A 148 12.33 14.09 10.99
N MET A 149 12.08 13.53 9.82
CA MET A 149 12.23 14.21 8.55
C MET A 149 10.88 14.17 7.86
N LEU A 150 10.64 15.18 7.05
CA LEU A 150 9.40 15.38 6.32
C LEU A 150 9.59 15.18 4.84
N SER A 151 8.56 14.72 4.14
CA SER A 151 8.61 14.51 2.70
C SER A 151 7.51 15.31 2.02
N PHE A 152 7.89 16.03 0.98
CA PHE A 152 6.97 16.85 0.21
C PHE A 152 7.53 17.19 -1.15
N SER A 153 6.71 17.88 -1.93
CA SER A 153 7.10 18.35 -3.26
C SER A 153 7.29 19.86 -3.18
N ALA A 154 7.62 20.50 -4.32
CA ALA A 154 7.87 21.94 -4.38
C ALA A 154 6.95 22.92 -3.60
N PRO A 155 5.59 22.76 -3.68
CA PRO A 155 4.71 23.68 -2.94
C PRO A 155 4.96 23.69 -1.44
N SER A 156 5.60 22.61 -1.00
CA SER A 156 6.02 22.36 0.39
C SER A 156 5.37 23.17 1.49
N ALA A 157 6.02 24.28 1.86
CA ALA A 157 5.61 25.21 2.92
C ALA A 157 4.13 25.58 2.95
N ILE A 158 3.56 25.87 1.78
CA ILE A 158 2.18 26.27 1.69
C ILE A 158 1.16 25.18 1.46
N ALA A 159 1.64 23.97 1.14
CA ALA A 159 0.79 22.82 0.88
C ALA A 159 0.67 21.92 2.11
N GLY A 160 -0.18 20.91 2.02
CA GLY A 160 -0.36 20.01 3.13
C GLY A 160 -0.37 18.51 2.88
N PRO A 161 -0.06 17.69 3.91
CA PRO A 161 -0.03 16.23 3.86
C PRO A 161 -1.36 15.60 3.42
N VAL A 162 -2.47 16.03 4.01
CA VAL A 162 -3.77 15.46 3.67
C VAL A 162 -4.20 15.65 2.21
N GLY A 163 -4.16 16.87 1.70
CA GLY A 163 -4.56 17.14 0.33
C GLY A 163 -3.65 16.51 -0.73
N ASN A 164 -2.34 16.55 -0.50
CA ASN A 164 -1.37 15.98 -1.43
C ASN A 164 -1.58 14.45 -1.51
N THR A 165 -1.83 13.81 -0.36
CA THR A 165 -2.06 12.37 -0.29
C THR A 165 -3.42 11.94 -0.85
N MET A 166 -4.44 12.80 -0.74
CA MET A 166 -5.76 12.45 -1.28
C MET A 166 -5.71 12.38 -2.79
N ASP A 167 -4.70 13.06 -3.35
CA ASP A 167 -4.49 13.07 -4.79
C ASP A 167 -3.35 12.14 -5.16
N ARG A 168 -2.85 11.41 -4.16
CA ARG A 168 -1.71 10.50 -4.27
C ARG A 168 -0.51 11.18 -4.88
N GLY A 169 -0.11 12.29 -4.26
CA GLY A 169 1.04 13.07 -4.70
C GLY A 169 2.35 12.44 -4.28
N VAL A 170 3.47 13.01 -4.74
CA VAL A 170 4.81 12.46 -4.46
C VAL A 170 5.85 13.46 -3.95
N GLY A 171 6.87 12.91 -3.26
CA GLY A 171 7.94 13.71 -2.69
C GLY A 171 9.30 13.27 -3.19
N TYR A 172 10.37 13.75 -2.55
CA TYR A 172 11.73 13.46 -2.99
C TYR A 172 12.69 12.78 -2.02
N THR A 173 12.16 12.33 -0.89
CA THR A 173 12.95 11.63 0.15
C THR A 173 12.66 10.11 0.01
N PRO A 174 13.28 9.21 0.84
CA PRO A 174 12.93 7.78 0.65
C PRO A 174 11.48 7.43 0.95
N TYR A 175 10.80 8.36 1.64
CA TYR A 175 9.38 8.24 2.00
C TYR A 175 8.55 9.03 0.98
N GLY A 176 9.16 9.25 -0.19
CA GLY A 176 8.54 10.00 -1.27
C GLY A 176 7.24 9.52 -1.86
N GLU A 177 6.94 8.22 -1.77
CA GLU A 177 5.68 7.69 -2.28
C GLU A 177 4.73 7.87 -1.10
N HIS A 178 4.05 9.03 -1.09
CA HIS A 178 3.21 9.43 0.04
C HIS A 178 2.07 8.55 0.46
N PHE A 179 1.37 7.96 -0.51
CA PHE A 179 0.25 7.07 -0.19
C PHE A 179 0.74 5.75 0.41
N MET A 180 1.93 5.33 -0.01
CA MET A 180 2.56 4.11 0.49
C MET A 180 2.92 4.28 1.99
N MET A 181 3.18 5.53 2.38
CA MET A 181 3.52 5.83 3.76
C MET A 181 2.35 6.28 4.62
N GLN A 182 1.16 6.36 4.01
CA GLN A 182 -0.09 6.73 4.72
C GLN A 182 -0.55 5.53 5.61
N CYS A 183 -1.00 5.82 6.81
CA CYS A 183 -1.44 4.78 7.73
C CYS A 183 -2.52 5.35 8.61
N GLY A 184 -3.75 4.92 8.30
CA GLY A 184 -4.92 5.35 9.02
C GLY A 184 -5.50 6.67 8.59
N MET A 185 -6.82 6.67 8.36
CA MET A 185 -7.54 7.88 8.00
C MET A 185 -8.97 7.82 8.50
N GLU A 186 -9.53 8.98 8.73
CA GLU A 186 -10.88 9.12 9.20
C GLU A 186 -11.65 9.86 8.12
N VAL A 187 -12.77 9.30 7.71
CA VAL A 187 -13.60 9.96 6.71
C VAL A 187 -15.04 10.09 7.20
N VAL A 188 -15.72 11.19 6.88
CA VAL A 188 -17.15 11.25 7.21
C VAL A 188 -17.87 10.92 5.91
N LEU A 189 -18.72 9.91 5.98
CA LEU A 189 -19.48 9.46 4.81
C LEU A 189 -20.64 10.38 4.52
N ALA A 190 -21.25 10.20 3.35
CA ALA A 190 -22.39 11.03 2.93
C ALA A 190 -23.60 10.98 3.89
N ASN A 191 -23.75 9.86 4.60
CA ASN A 191 -24.82 9.65 5.58
C ASN A 191 -24.48 10.17 6.99
N GLY A 192 -23.40 10.92 7.09
CA GLY A 192 -22.98 11.50 8.36
C GLY A 192 -22.13 10.63 9.26
N ASP A 193 -21.97 9.35 8.90
CA ASP A 193 -21.16 8.41 9.67
C ASP A 193 -19.65 8.67 9.61
N VAL A 194 -18.98 8.50 10.73
CA VAL A 194 -17.53 8.69 10.80
C VAL A 194 -16.85 7.31 10.77
N TYR A 195 -16.21 7.03 9.62
CA TYR A 195 -15.49 5.79 9.39
C TYR A 195 -13.99 5.99 9.56
N ARG A 196 -13.36 5.05 10.26
CA ARG A 196 -11.91 5.04 10.48
C ARG A 196 -11.37 3.76 9.90
N THR A 197 -10.37 3.91 9.03
CA THR A 197 -9.72 2.78 8.37
C THR A 197 -8.77 2.03 9.29
N GLY A 198 -8.29 0.87 8.83
CA GLY A 198 -7.32 0.08 9.59
C GLY A 198 -7.65 -0.26 11.03
N MET A 199 -6.83 0.22 11.97
CA MET A 199 -7.05 -0.08 13.39
C MET A 199 -7.88 0.96 14.17
N GLY A 200 -8.25 2.05 13.52
CA GLY A 200 -9.01 3.10 14.18
C GLY A 200 -10.39 2.84 14.70
N GLY A 201 -11.03 1.78 14.21
CA GLY A 201 -12.36 1.42 14.67
C GLY A 201 -12.37 0.67 15.99
N VAL A 202 -11.20 0.17 16.40
CA VAL A 202 -11.03 -0.61 17.64
C VAL A 202 -10.91 0.31 18.85
N PRO A 203 -11.85 0.22 19.81
CA PRO A 203 -11.82 1.06 21.02
C PRO A 203 -10.59 0.82 21.89
N GLY A 204 -9.91 1.91 22.21
CA GLY A 204 -8.73 1.86 23.05
C GLY A 204 -7.44 1.45 22.38
N SER A 205 -7.43 1.44 21.05
CA SER A 205 -6.23 1.04 20.30
C SER A 205 -5.24 2.17 20.15
N ASN A 206 -3.96 1.79 20.06
CA ASN A 206 -2.88 2.75 19.86
C ASN A 206 -2.11 2.36 18.60
N THR A 207 -2.77 1.56 17.74
CA THR A 207 -2.18 1.07 16.50
C THR A 207 -2.63 1.63 15.13
N TRP A 208 -3.48 2.66 15.14
CA TRP A 208 -4.01 3.30 13.94
C TRP A 208 -2.94 3.81 12.93
N GLN A 209 -1.85 4.33 13.47
CA GLN A 209 -0.74 4.83 12.66
C GLN A 209 0.44 3.84 12.72
N ILE A 210 0.16 2.60 13.10
CA ILE A 210 1.19 1.55 13.23
C ILE A 210 0.99 0.41 12.20
N PHE A 211 -0.24 -0.10 12.11
CA PHE A 211 -0.57 -1.19 11.18
C PHE A 211 -1.60 -0.68 10.16
N LYS A 212 -1.22 -0.70 8.88
CA LYS A 212 -2.00 -0.17 7.77
C LYS A 212 -3.35 -0.77 7.45
N TRP A 213 -3.34 -2.09 7.30
CA TRP A 213 -4.49 -2.83 6.83
C TRP A 213 -5.70 -3.06 7.69
N GLY A 214 -5.46 -3.46 8.94
CA GLY A 214 -6.54 -3.77 9.83
C GLY A 214 -7.04 -5.16 9.48
N TYR A 215 -8.36 -5.31 9.46
CA TYR A 215 -9.00 -6.57 9.18
C TYR A 215 -10.15 -6.32 8.23
N GLY A 216 -10.39 -7.28 7.35
CA GLY A 216 -11.44 -7.16 6.36
C GLY A 216 -10.96 -6.31 5.21
N PRO A 217 -11.84 -5.81 4.32
CA PRO A 217 -11.34 -4.99 3.22
C PRO A 217 -10.64 -3.74 3.76
N THR A 218 -9.50 -3.37 3.18
CA THR A 218 -8.74 -2.20 3.61
C THR A 218 -9.08 -1.12 2.58
N LEU A 219 -9.78 -0.10 3.06
CA LEU A 219 -10.34 0.94 2.18
C LEU A 219 -9.72 2.31 2.01
N ASP A 220 -8.50 2.53 2.50
CA ASP A 220 -7.85 3.83 2.36
C ASP A 220 -7.76 4.27 0.92
N GLY A 221 -7.44 3.31 0.06
CA GLY A 221 -7.31 3.54 -1.37
C GLY A 221 -8.58 3.92 -2.10
N MET A 222 -9.71 3.44 -1.58
CA MET A 222 -11.03 3.70 -2.13
C MET A 222 -11.36 5.18 -2.02
N PHE A 223 -10.84 5.84 -0.99
CA PHE A 223 -11.07 7.25 -0.78
C PHE A 223 -10.12 8.19 -1.53
N THR A 224 -8.90 7.74 -1.83
CA THR A 224 -7.93 8.57 -2.54
C THR A 224 -8.32 8.65 -4.00
N GLN A 225 -8.27 9.89 -4.52
CA GLN A 225 -8.64 10.23 -5.89
C GLN A 225 -10.07 9.87 -6.21
N ALA A 226 -10.91 9.92 -5.18
CA ALA A 226 -12.32 9.58 -5.29
C ALA A 226 -13.24 10.58 -4.54
N ASN A 227 -14.54 10.36 -4.61
CA ASN A 227 -15.52 11.21 -3.96
C ASN A 227 -16.52 10.40 -3.13
N TYR A 228 -15.99 9.52 -2.27
CA TYR A 228 -16.83 8.65 -1.41
C TYR A 228 -16.79 9.03 0.06
N GLY A 229 -16.11 10.13 0.38
CA GLY A 229 -15.99 10.54 1.76
C GLY A 229 -15.15 11.78 1.84
N ILE A 230 -15.26 12.47 2.96
CA ILE A 230 -14.51 13.70 3.23
C ILE A 230 -13.48 13.34 4.33
N CYS A 231 -12.19 13.41 4.00
CA CYS A 231 -11.16 13.07 4.98
C CYS A 231 -11.02 14.17 6.01
N THR A 232 -11.20 13.79 7.29
CA THR A 232 -11.11 14.72 8.40
C THR A 232 -9.86 14.55 9.27
N LYS A 233 -9.19 13.41 9.16
CA LYS A 233 -7.95 13.12 9.91
C LYS A 233 -7.16 12.14 9.07
N MET A 234 -5.83 12.27 9.10
CA MET A 234 -4.98 11.35 8.36
C MET A 234 -3.64 11.15 9.04
N GLY A 235 -3.21 9.89 9.08
CA GLY A 235 -1.95 9.56 9.68
C GLY A 235 -0.98 9.02 8.66
N PHE A 236 0.29 9.30 8.88
CA PHE A 236 1.34 8.85 7.99
C PHE A 236 2.67 8.64 8.73
N TRP A 237 3.56 7.90 8.10
CA TRP A 237 4.86 7.59 8.66
C TRP A 237 5.89 8.67 8.29
N LEU A 238 6.77 8.97 9.24
CA LEU A 238 7.85 9.95 9.08
C LEU A 238 9.20 9.25 9.13
N MET A 239 10.10 9.62 8.24
CA MET A 239 11.46 9.06 8.19
C MET A 239 12.31 9.54 9.36
N PRO A 240 12.99 8.61 10.07
CA PRO A 240 13.83 9.09 11.17
C PRO A 240 14.99 9.87 10.54
N LYS A 241 15.36 11.00 11.13
CA LYS A 241 16.45 11.83 10.62
C LYS A 241 17.77 11.03 10.65
N PRO A 242 18.42 10.85 9.49
CA PRO A 242 19.68 10.10 9.44
C PRO A 242 20.83 10.98 9.93
N PRO A 243 21.91 10.37 10.46
CA PRO A 243 23.04 11.21 10.93
C PRO A 243 23.83 11.90 9.80
N VAL A 244 23.80 11.30 8.60
CA VAL A 244 24.48 11.84 7.42
C VAL A 244 23.56 11.86 6.21
N PHE A 245 23.57 12.99 5.50
CA PHE A 245 22.81 13.23 4.28
C PHE A 245 23.83 13.65 3.22
N LYS A 246 23.80 12.99 2.07
CA LYS A 246 24.72 13.27 0.98
C LYS A 246 24.05 13.46 -0.38
N PRO A 247 23.72 14.73 -0.73
CA PRO A 247 23.09 14.98 -2.03
C PRO A 247 24.16 15.11 -3.12
N PHE A 248 23.79 14.78 -4.33
CA PHE A 248 24.69 14.89 -5.45
C PHE A 248 23.93 15.14 -6.73
N GLU A 249 24.67 15.63 -7.73
CA GLU A 249 24.10 15.89 -9.04
C GLU A 249 25.03 15.32 -10.10
N VAL A 250 24.46 14.90 -11.22
CA VAL A 250 25.24 14.39 -12.34
C VAL A 250 24.69 15.09 -13.58
N ILE A 251 25.53 15.97 -14.16
CA ILE A 251 25.19 16.75 -15.36
C ILE A 251 25.58 16.01 -16.65
N PHE A 252 24.65 15.96 -17.62
CA PHE A 252 24.86 15.29 -18.91
C PHE A 252 24.68 16.22 -20.10
N GLU A 253 25.70 16.31 -20.96
CA GLU A 253 25.74 17.20 -22.12
C GLU A 253 24.80 16.89 -23.31
N ASP A 254 24.73 15.62 -23.71
CA ASP A 254 23.91 15.19 -24.86
C ASP A 254 22.54 14.65 -24.45
N GLU A 255 21.53 14.98 -25.26
CA GLU A 255 20.13 14.58 -25.06
C GLU A 255 19.86 13.08 -25.19
N ALA A 256 20.68 12.39 -25.98
CA ALA A 256 20.56 10.95 -26.20
C ALA A 256 21.06 10.10 -25.05
N ASP A 257 21.74 10.73 -24.09
CA ASP A 257 22.30 10.06 -22.91
C ASP A 257 21.27 9.47 -21.96
N ILE A 258 20.03 9.96 -22.02
CA ILE A 258 18.93 9.52 -21.17
C ILE A 258 18.67 8.00 -21.22
N VAL A 259 18.90 7.40 -22.39
CA VAL A 259 18.70 5.97 -22.61
C VAL A 259 19.66 5.11 -21.77
N GLU A 260 20.91 5.52 -21.68
CA GLU A 260 21.92 4.78 -20.91
C GLU A 260 21.89 5.06 -19.41
N ILE A 261 21.47 6.27 -19.03
CA ILE A 261 21.37 6.70 -17.63
C ILE A 261 20.35 5.87 -16.84
N VAL A 262 19.12 5.85 -17.35
CA VAL A 262 18.00 5.14 -16.74
C VAL A 262 18.28 3.66 -16.55
N ASP A 263 18.79 2.99 -17.59
CA ASP A 263 19.13 1.56 -17.54
C ASP A 263 20.27 1.24 -16.56
N ALA A 264 21.13 2.21 -16.32
CA ALA A 264 22.26 2.04 -15.40
C ALA A 264 21.85 2.33 -13.96
N LEU A 265 20.85 3.21 -13.81
CA LEU A 265 20.34 3.64 -12.50
C LEU A 265 19.31 2.72 -11.86
N ARG A 266 18.56 2.02 -12.70
CA ARG A 266 17.51 1.11 -12.26
C ARG A 266 17.95 0.06 -11.22
N PRO A 267 19.05 -0.73 -11.46
CA PRO A 267 19.43 -1.69 -10.41
C PRO A 267 19.88 -1.06 -9.08
N LEU A 268 20.40 0.16 -9.13
CA LEU A 268 20.84 0.88 -7.92
C LEU A 268 19.62 1.38 -7.15
N ARG A 269 18.56 1.68 -7.89
CA ARG A 269 17.32 2.18 -7.33
C ARG A 269 16.43 1.01 -6.83
N MET A 270 16.54 -0.15 -7.48
CA MET A 270 15.78 -1.33 -7.11
C MET A 270 16.36 -2.08 -5.91
N SER A 271 17.67 -1.95 -5.71
CA SER A 271 18.38 -2.59 -4.60
C SER A 271 18.45 -1.67 -3.40
N ASN A 272 17.88 -0.48 -3.54
CA ASN A 272 17.84 0.56 -2.51
C ASN A 272 19.18 1.22 -2.13
N THR A 273 20.15 1.17 -3.05
CA THR A 273 21.49 1.79 -2.88
C THR A 273 21.27 3.30 -2.96
N ILE A 274 20.40 3.72 -3.88
CA ILE A 274 19.96 5.11 -4.00
C ILE A 274 18.51 4.91 -3.53
N PRO A 275 18.20 5.28 -2.26
CA PRO A 275 16.87 5.13 -1.66
C PRO A 275 15.77 6.10 -2.04
N ASN A 276 16.13 7.29 -2.51
CA ASN A 276 15.15 8.28 -2.89
C ASN A 276 14.93 8.22 -4.38
N SER A 277 13.81 8.78 -4.84
CA SER A 277 13.49 8.79 -6.25
C SER A 277 14.44 9.72 -7.00
N VAL A 278 15.09 9.16 -8.02
CA VAL A 278 16.04 9.89 -8.87
C VAL A 278 15.32 10.77 -9.90
N VAL A 279 15.52 12.08 -9.76
CA VAL A 279 14.94 13.05 -10.67
C VAL A 279 15.98 13.43 -11.74
N ILE A 280 15.61 13.23 -13.00
CA ILE A 280 16.46 13.57 -14.14
C ILE A 280 15.74 14.68 -14.88
N ALA A 281 16.20 15.92 -14.67
CA ALA A 281 15.57 17.11 -15.25
C ALA A 281 16.11 17.62 -16.58
N SER A 282 15.19 18.01 -17.48
CA SER A 282 15.58 18.56 -18.80
C SER A 282 16.12 19.98 -18.65
N THR A 283 16.75 20.49 -19.72
CA THR A 283 17.35 21.84 -19.69
C THR A 283 16.38 22.94 -19.31
N LEU A 284 15.20 22.94 -19.94
CA LEU A 284 14.18 23.96 -19.67
C LEU A 284 13.58 23.92 -18.27
N TRP A 285 13.49 22.71 -17.69
CA TRP A 285 13.01 22.54 -16.30
C TRP A 285 14.09 23.12 -15.41
N GLU A 286 15.32 22.72 -15.68
CA GLU A 286 16.46 23.17 -14.92
C GLU A 286 16.60 24.70 -14.97
N ALA A 287 16.29 25.27 -16.13
CA ALA A 287 16.37 26.71 -16.39
C ALA A 287 15.32 27.52 -15.66
N GLY A 288 14.07 27.05 -15.73
CA GLY A 288 12.95 27.70 -15.07
C GLY A 288 13.10 27.70 -13.57
N SER A 289 13.73 26.63 -13.05
CA SER A 289 13.97 26.47 -11.62
C SER A 289 15.18 27.28 -11.12
N ALA A 290 16.02 27.71 -12.07
CA ALA A 290 17.20 28.54 -11.78
C ALA A 290 16.84 29.99 -12.06
N HIS A 291 15.55 30.18 -12.37
CA HIS A 291 14.91 31.47 -12.66
C HIS A 291 15.31 32.27 -13.91
N LEU A 292 15.48 31.54 -15.01
CA LEU A 292 15.80 32.15 -16.31
C LEU A 292 14.47 32.17 -17.05
N THR A 293 14.21 33.25 -17.78
CA THR A 293 12.97 33.37 -18.55
C THR A 293 13.29 33.16 -20.02
N ARG A 294 12.26 32.90 -20.83
CA ARG A 294 12.43 32.69 -22.27
C ARG A 294 12.76 34.02 -22.95
N ALA A 295 12.10 35.09 -22.48
CA ALA A 295 12.25 36.45 -23.00
C ALA A 295 13.65 37.07 -22.89
N GLN A 296 14.53 36.45 -22.10
CA GLN A 296 15.88 36.96 -21.97
C GLN A 296 16.83 36.19 -22.89
N TYR A 297 16.28 35.37 -23.79
CA TYR A 297 17.06 34.58 -24.73
C TYR A 297 16.55 34.68 -26.17
N THR A 298 15.23 34.84 -26.32
CA THR A 298 14.56 34.95 -27.62
C THR A 298 13.14 35.48 -27.42
N THR A 299 12.64 36.24 -28.40
CA THR A 299 11.30 36.82 -28.36
C THR A 299 10.47 36.34 -29.56
N GLU A 300 11.06 35.39 -30.29
CA GLU A 300 10.50 34.76 -31.49
C GLU A 300 9.26 33.92 -31.13
N PRO A 301 8.22 33.85 -31.99
CA PRO A 301 7.03 33.05 -31.64
C PRO A 301 7.29 31.52 -31.67
N GLY A 302 6.34 30.74 -31.16
CA GLY A 302 6.50 29.30 -31.15
C GLY A 302 7.44 28.82 -30.05
N HIS A 303 7.90 27.57 -30.17
CA HIS A 303 8.79 26.97 -29.18
C HIS A 303 10.18 27.60 -29.13
N THR A 304 10.98 27.18 -28.17
CA THR A 304 12.34 27.65 -28.00
C THR A 304 13.19 26.69 -28.88
N PRO A 305 13.86 27.22 -29.93
CA PRO A 305 14.69 26.40 -30.82
C PRO A 305 15.91 25.74 -30.16
N ASP A 306 16.34 24.62 -30.73
CA ASP A 306 17.48 23.82 -30.24
C ASP A 306 18.77 24.63 -30.09
N SER A 307 18.86 25.67 -30.92
CA SER A 307 19.99 26.61 -30.99
C SER A 307 20.17 27.40 -29.69
N VAL A 308 19.07 27.97 -29.20
CA VAL A 308 19.06 28.76 -27.97
C VAL A 308 19.18 27.86 -26.73
N ILE A 309 18.66 26.63 -26.79
CA ILE A 309 18.76 25.66 -25.68
C ILE A 309 20.25 25.30 -25.54
N LYS A 310 20.93 25.15 -26.68
CA LYS A 310 22.37 24.83 -26.75
C LYS A 310 23.19 26.00 -26.18
N GLN A 311 22.73 27.23 -26.43
CA GLN A 311 23.39 28.43 -25.93
C GLN A 311 23.16 28.58 -24.41
N MET A 312 21.97 28.19 -23.94
CA MET A 312 21.61 28.24 -22.51
C MET A 312 22.51 27.30 -21.72
N GLN A 313 22.82 26.16 -22.35
CA GLN A 313 23.70 25.13 -21.79
C GLN A 313 25.14 25.64 -21.65
N LYS A 314 25.58 26.39 -22.67
CA LYS A 314 26.92 26.98 -22.72
C LYS A 314 27.11 28.07 -21.64
N ASP A 315 26.17 29.01 -21.57
CA ASP A 315 26.20 30.14 -20.62
C ASP A 315 26.15 29.79 -19.13
N THR A 316 25.32 28.81 -18.79
CA THR A 316 25.10 28.37 -17.39
C THR A 316 25.87 27.14 -16.92
N GLY A 317 26.14 26.22 -17.84
CA GLY A 317 26.86 25.01 -17.49
C GLY A 317 25.95 23.84 -17.18
N MET A 318 24.65 24.05 -17.42
CA MET A 318 23.60 23.07 -17.22
C MET A 318 23.60 22.13 -18.41
N GLY A 319 23.26 20.86 -18.19
CA GLY A 319 23.24 19.91 -19.28
C GLY A 319 21.91 19.72 -19.95
N ALA A 320 21.86 18.71 -20.81
CA ALA A 320 20.65 18.34 -21.53
C ALA A 320 19.72 17.63 -20.54
N TRP A 321 20.35 16.88 -19.63
CA TRP A 321 19.68 16.13 -18.57
C TRP A 321 20.50 16.32 -17.32
N ASN A 322 19.83 16.74 -16.24
CA ASN A 322 20.48 16.98 -14.95
C ASN A 322 19.86 16.08 -13.88
N LEU A 323 20.63 15.10 -13.41
CA LEU A 323 20.10 14.18 -12.40
C LEU A 323 20.46 14.54 -10.98
N TYR A 324 19.47 14.42 -10.10
CA TYR A 324 19.62 14.70 -8.68
C TYR A 324 19.15 13.51 -7.89
N ALA A 325 19.90 13.16 -6.87
CA ALA A 325 19.60 12.03 -6.01
C ALA A 325 20.31 12.29 -4.71
N ALA A 326 20.08 11.41 -3.72
CA ALA A 326 20.69 11.56 -2.41
C ALA A 326 21.03 10.25 -1.73
N LEU A 327 21.90 10.33 -0.71
CA LEU A 327 22.36 9.17 0.05
C LEU A 327 22.11 9.46 1.54
N TYR A 328 21.54 8.47 2.26
CA TYR A 328 21.20 8.63 3.68
C TYR A 328 21.72 7.44 4.49
N GLY A 329 21.99 7.69 5.77
CA GLY A 329 22.46 6.66 6.68
C GLY A 329 23.60 7.17 7.54
N THR A 330 24.41 6.22 8.02
CA THR A 330 25.59 6.55 8.84
C THR A 330 26.71 6.83 7.84
N GLN A 331 27.75 7.54 8.30
CA GLN A 331 28.88 7.90 7.45
C GLN A 331 29.48 6.69 6.74
N GLU A 332 29.57 5.59 7.46
CA GLU A 332 30.13 4.36 6.92
C GLU A 332 29.29 3.75 5.82
N GLN A 333 27.96 3.75 5.96
CA GLN A 333 27.12 3.18 4.91
C GLN A 333 26.95 4.11 3.71
N VAL A 334 27.13 5.41 3.97
CA VAL A 334 27.06 6.45 2.94
C VAL A 334 28.31 6.35 2.08
N ASP A 335 29.49 6.21 2.73
CA ASP A 335 30.79 6.10 2.03
C ASP A 335 30.85 4.88 1.14
N VAL A 336 30.21 3.80 1.59
CA VAL A 336 30.15 2.55 0.84
C VAL A 336 29.21 2.67 -0.36
N ASN A 337 28.03 3.27 -0.14
CA ASN A 337 27.07 3.47 -1.23
C ASN A 337 27.59 4.49 -2.22
N TRP A 338 28.42 5.42 -1.73
CA TRP A 338 29.04 6.45 -2.57
C TRP A 338 29.99 5.80 -3.56
N LYS A 339 30.79 4.83 -3.10
CA LYS A 339 31.73 4.09 -3.94
C LYS A 339 30.97 3.31 -5.06
N ILE A 340 29.83 2.70 -4.70
CA ILE A 340 29.00 1.94 -5.67
C ILE A 340 28.39 2.85 -6.73
N VAL A 341 27.89 4.02 -6.31
CA VAL A 341 27.28 4.99 -7.23
C VAL A 341 28.34 5.61 -8.17
N THR A 342 29.51 5.95 -7.60
CA THR A 342 30.65 6.53 -8.32
C THR A 342 31.18 5.60 -9.43
N ASP A 343 31.39 4.32 -9.09
CA ASP A 343 31.89 3.33 -10.04
C ASP A 343 30.96 3.05 -11.21
N VAL A 344 29.65 3.25 -11.02
CA VAL A 344 28.66 3.03 -12.08
C VAL A 344 28.76 4.17 -13.10
N PHE A 345 28.97 5.40 -12.61
CA PHE A 345 29.09 6.58 -13.49
C PHE A 345 30.43 6.65 -14.23
N LYS A 346 31.45 6.07 -13.62
CA LYS A 346 32.80 5.99 -14.18
C LYS A 346 32.80 4.95 -15.32
N LYS A 347 32.19 3.79 -15.07
CA LYS A 347 32.10 2.70 -16.05
C LYS A 347 31.28 3.07 -17.29
N LEU A 348 30.41 4.07 -17.12
CA LEU A 348 29.55 4.58 -18.18
C LEU A 348 30.32 5.60 -19.03
N GLY A 349 31.32 6.24 -18.41
CA GLY A 349 32.17 7.22 -19.07
C GLY A 349 31.49 8.52 -19.47
N LYS A 350 30.31 8.78 -18.90
CA LYS A 350 29.51 9.97 -19.17
C LYS A 350 29.11 10.68 -17.88
N GLY A 351 28.89 11.99 -18.03
CA GLY A 351 28.48 12.84 -16.92
C GLY A 351 29.49 13.18 -15.85
N ARG A 352 29.37 14.40 -15.32
CA ARG A 352 30.25 14.85 -14.26
C ARG A 352 29.51 14.98 -12.93
N ILE A 353 30.15 14.47 -11.88
CA ILE A 353 29.60 14.50 -10.54
C ILE A 353 29.84 15.86 -9.90
N VAL A 354 28.77 16.42 -9.35
CA VAL A 354 28.77 17.70 -8.67
C VAL A 354 28.32 17.39 -7.24
N THR A 355 29.19 17.71 -6.29
CA THR A 355 28.91 17.47 -4.88
C THR A 355 28.44 18.73 -4.15
N GLN A 356 28.15 18.60 -2.86
CA GLN A 356 27.68 19.70 -1.98
C GLN A 356 28.82 20.69 -1.74
N GLU A 357 30.05 20.22 -1.95
CA GLU A 357 31.30 20.96 -1.82
C GLU A 357 31.47 21.97 -2.98
N GLU A 358 31.26 21.47 -4.21
CA GLU A 358 31.38 22.25 -5.44
C GLU A 358 30.27 23.27 -5.71
N ALA A 359 29.02 22.82 -5.70
CA ALA A 359 27.87 23.68 -5.95
C ALA A 359 27.20 24.17 -4.67
N GLY A 360 28.05 24.60 -3.72
CA GLY A 360 27.64 25.09 -2.40
C GLY A 360 26.28 25.71 -2.19
N ASP A 361 26.20 27.03 -2.33
CA ASP A 361 24.95 27.77 -2.17
C ASP A 361 24.36 28.18 -3.51
N THR A 362 24.72 27.42 -4.55
CA THR A 362 24.25 27.65 -5.91
C THR A 362 22.90 27.00 -6.19
N GLN A 363 22.09 27.67 -7.01
CA GLN A 363 20.80 27.15 -7.43
C GLN A 363 21.06 26.62 -8.84
N PRO A 364 20.35 25.54 -9.28
CA PRO A 364 19.31 24.71 -8.65
C PRO A 364 19.68 23.59 -7.66
N PHE A 365 20.97 23.37 -7.41
CA PHE A 365 21.43 22.35 -6.46
C PHE A 365 20.86 22.55 -5.05
N LYS A 366 20.94 23.79 -4.54
CA LYS A 366 20.47 24.15 -3.21
C LYS A 366 19.01 23.79 -2.93
N TYR A 367 18.10 24.06 -3.88
CA TYR A 367 16.70 23.76 -3.63
C TYR A 367 16.38 22.28 -3.65
N ARG A 368 17.02 21.55 -4.58
CA ARG A 368 16.83 20.11 -4.72
C ARG A 368 17.39 19.38 -3.51
N ALA A 369 18.51 19.87 -2.98
CA ALA A 369 19.14 19.32 -1.78
C ALA A 369 18.23 19.53 -0.58
N GLN A 370 17.51 20.65 -0.59
CA GLN A 370 16.58 20.97 0.50
C GLN A 370 15.31 20.10 0.42
N LEU A 371 14.81 19.90 -0.80
CA LEU A 371 13.64 19.08 -1.05
C LEU A 371 13.91 17.61 -0.69
N MET A 372 15.15 17.18 -0.92
CA MET A 372 15.57 15.81 -0.62
C MET A 372 15.84 15.55 0.86
N SER A 373 15.88 16.62 1.67
CA SER A 373 16.09 16.49 3.12
C SER A 373 14.97 17.12 3.92
N GLY A 374 13.82 17.32 3.28
CA GLY A 374 12.67 17.87 3.96
C GLY A 374 12.62 19.29 4.50
N VAL A 375 13.45 20.18 3.94
CA VAL A 375 13.43 21.59 4.35
C VAL A 375 12.70 22.35 3.22
N PRO A 376 11.61 23.07 3.55
CA PRO A 376 10.83 23.82 2.57
C PRO A 376 11.41 25.07 1.87
N ASN A 377 11.08 25.17 0.58
CA ASN A 377 11.47 26.28 -0.29
C ASN A 377 10.56 26.22 -1.51
N LEU A 378 10.24 27.37 -2.10
CA LEU A 378 9.34 27.44 -3.26
C LEU A 378 10.04 27.85 -4.56
N GLN A 379 11.35 27.59 -4.62
CA GLN A 379 12.19 27.92 -5.78
C GLN A 379 11.69 27.44 -7.15
N GLU A 380 11.19 26.20 -7.18
CA GLU A 380 10.68 25.59 -8.41
C GLU A 380 9.46 26.29 -9.01
N PHE A 381 8.92 27.29 -8.30
CA PHE A 381 7.81 28.06 -8.80
C PHE A 381 8.25 29.01 -9.93
N GLY A 382 9.57 29.00 -10.18
CA GLY A 382 10.19 29.78 -11.23
C GLY A 382 9.73 29.27 -12.59
N LEU A 383 9.34 28.01 -12.62
CA LEU A 383 8.80 27.36 -13.80
C LEU A 383 7.58 28.14 -14.37
N TYR A 384 6.91 28.89 -13.51
CA TYR A 384 5.76 29.67 -13.95
C TYR A 384 6.18 31.04 -14.48
N ASN A 385 7.49 31.31 -14.36
CA ASN A 385 8.06 32.56 -14.84
C ASN A 385 8.75 32.37 -16.18
N TRP A 386 8.88 31.11 -16.64
CA TRP A 386 9.50 30.76 -17.92
C TRP A 386 8.81 31.48 -19.09
N ARG A 387 7.49 31.44 -19.10
CA ARG A 387 6.72 32.14 -20.13
C ARG A 387 5.79 33.14 -19.45
N GLY A 388 5.53 32.93 -18.15
CA GLY A 388 4.64 33.80 -17.38
C GLY A 388 3.17 33.67 -17.77
N GLY A 389 2.33 34.58 -17.26
CA GLY A 389 0.92 34.55 -17.62
C GLY A 389 0.02 33.68 -16.79
N GLY A 390 0.62 32.79 -15.99
CA GLY A 390 -0.13 31.91 -15.11
C GLY A 390 -0.89 30.76 -15.74
N GLY A 391 -0.30 30.19 -16.76
CA GLY A 391 -0.90 29.07 -17.44
C GLY A 391 0.02 27.90 -17.23
N SER A 392 -0.52 26.85 -16.63
CA SER A 392 0.25 25.65 -16.35
C SER A 392 -0.64 24.46 -16.09
N MET A 393 -0.35 23.37 -16.79
CA MET A 393 -1.06 22.11 -16.64
C MET A 393 -0.04 20.99 -16.55
N TRP A 394 -0.30 20.00 -15.71
CA TRP A 394 0.61 18.89 -15.61
C TRP A 394 0.13 17.74 -16.45
N PHE A 395 1.04 17.24 -17.29
CA PHE A 395 0.77 16.08 -18.13
C PHE A 395 1.85 15.09 -17.66
N ALA A 396 1.43 14.03 -16.97
CA ALA A 396 2.39 13.05 -16.49
C ALA A 396 2.03 11.56 -16.62
N PRO A 397 2.48 10.92 -17.73
CA PRO A 397 2.22 9.51 -17.98
C PRO A 397 3.23 8.66 -17.22
N VAL A 398 2.94 7.37 -17.11
CA VAL A 398 3.82 6.46 -16.40
C VAL A 398 4.33 5.35 -17.32
N SER A 399 5.58 4.94 -17.12
CA SER A 399 6.17 3.89 -17.92
C SER A 399 7.13 3.07 -17.07
N GLU A 400 7.66 1.99 -17.66
CA GLU A 400 8.66 1.15 -17.03
C GLU A 400 9.93 2.01 -16.91
N ALA A 401 10.75 1.77 -15.90
CA ALA A 401 12.01 2.51 -15.72
C ALA A 401 13.06 1.93 -16.65
N ARG A 402 12.73 2.01 -17.93
CA ARG A 402 13.53 1.52 -19.04
C ARG A 402 13.99 2.72 -19.89
N GLY A 403 15.28 2.78 -20.20
CA GLY A 403 15.85 3.87 -21.01
C GLY A 403 15.24 4.11 -22.41
N SER A 404 14.78 3.03 -23.05
CA SER A 404 14.18 3.12 -24.39
C SER A 404 12.84 3.86 -24.33
N GLU A 405 12.24 3.88 -23.15
CA GLU A 405 10.96 4.53 -22.92
C GLU A 405 11.08 6.04 -22.82
N CYS A 406 12.27 6.50 -22.44
CA CYS A 406 12.57 7.92 -22.34
C CYS A 406 12.60 8.58 -23.72
N LYS A 407 13.35 7.96 -24.63
CA LYS A 407 13.50 8.40 -26.02
C LYS A 407 12.16 8.37 -26.77
N LYS A 408 11.36 7.33 -26.52
CA LYS A 408 10.06 7.15 -27.16
C LYS A 408 9.06 8.24 -26.76
N GLN A 409 8.85 8.39 -25.45
CA GLN A 409 7.92 9.37 -24.91
C GLN A 409 8.34 10.82 -25.15
N ALA A 410 9.65 11.11 -25.03
CA ALA A 410 10.20 12.46 -25.23
C ALA A 410 9.89 13.00 -26.63
N ALA A 411 10.23 12.20 -27.65
CA ALA A 411 9.98 12.53 -29.06
C ALA A 411 8.48 12.73 -29.33
N MET A 412 7.65 11.91 -28.70
CA MET A 412 6.20 11.99 -28.85
C MET A 412 5.64 13.28 -28.26
N ALA A 413 6.17 13.63 -27.09
CA ALA A 413 5.74 14.82 -26.36
C ALA A 413 6.23 16.06 -27.05
N LYS A 414 7.53 16.09 -27.34
CA LYS A 414 8.20 17.20 -28.01
C LYS A 414 7.54 17.59 -29.34
N ARG A 415 7.15 16.58 -30.11
CA ARG A 415 6.51 16.76 -31.41
C ARG A 415 5.12 17.45 -31.27
N VAL A 416 4.33 17.04 -30.27
CA VAL A 416 2.99 17.60 -30.06
C VAL A 416 3.07 18.99 -29.39
N LEU A 417 4.09 19.19 -28.57
CA LEU A 417 4.26 20.48 -27.92
C LEU A 417 4.68 21.54 -28.90
N HIS A 418 5.66 21.23 -29.75
CA HIS A 418 6.16 22.15 -30.76
C HIS A 418 5.13 22.53 -31.82
N LYS A 419 4.22 21.60 -32.10
CA LYS A 419 3.12 21.81 -33.04
C LYS A 419 2.26 22.99 -32.65
N TYR A 420 2.10 23.19 -31.33
CA TYR A 420 1.28 24.27 -30.79
C TYR A 420 2.10 25.43 -30.22
N GLY A 421 3.39 25.44 -30.50
CA GLY A 421 4.23 26.52 -30.04
C GLY A 421 4.63 26.51 -28.59
N LEU A 422 4.48 25.36 -27.95
CA LEU A 422 4.87 25.20 -26.55
C LEU A 422 6.16 24.42 -26.41
N ASP A 423 6.81 24.61 -25.27
CA ASP A 423 8.07 23.95 -24.95
C ASP A 423 7.98 22.56 -24.27
N TYR A 424 9.11 21.87 -24.28
CA TYR A 424 9.21 20.57 -23.65
C TYR A 424 9.98 20.81 -22.36
N VAL A 425 9.21 21.11 -21.32
CA VAL A 425 9.72 21.36 -19.98
C VAL A 425 9.29 20.12 -19.23
N ALA A 426 10.25 19.22 -18.99
CA ALA A 426 9.98 17.95 -18.33
C ALA A 426 11.08 17.32 -17.51
N GLU A 427 10.69 16.43 -16.62
CA GLU A 427 11.62 15.67 -15.78
C GLU A 427 11.10 14.26 -15.62
N PHE A 428 12.04 13.32 -15.50
CA PHE A 428 11.75 11.91 -15.27
C PHE A 428 12.06 11.67 -13.81
N ILE A 429 11.13 11.06 -13.10
CA ILE A 429 11.32 10.73 -11.69
C ILE A 429 11.38 9.22 -11.68
N VAL A 430 12.59 8.66 -11.58
CA VAL A 430 12.79 7.21 -11.56
C VAL A 430 12.70 6.56 -10.16
N ALA A 431 11.67 5.75 -10.02
CA ALA A 431 11.32 4.99 -8.83
C ALA A 431 11.85 3.56 -9.14
N PRO A 432 11.80 2.60 -8.17
CA PRO A 432 12.32 1.24 -8.46
C PRO A 432 11.95 0.54 -9.77
N ARG A 433 10.70 0.64 -10.19
CA ARG A 433 10.26 0.01 -11.44
C ARG A 433 9.51 0.98 -12.34
N ASP A 434 8.89 2.00 -11.75
CA ASP A 434 8.14 2.98 -12.51
C ASP A 434 8.94 4.23 -12.72
N MET A 435 8.68 4.85 -13.86
CA MET A 435 9.31 6.11 -14.25
C MET A 435 8.17 7.02 -14.67
N HIS A 436 8.24 8.23 -14.14
CA HIS A 436 7.24 9.26 -14.39
C HIS A 436 7.82 10.31 -15.29
N HIS A 437 7.05 10.63 -16.33
CA HIS A 437 7.42 11.64 -17.28
C HIS A 437 6.58 12.86 -16.94
N VAL A 438 7.08 13.69 -16.01
CA VAL A 438 6.34 14.90 -15.63
C VAL A 438 6.59 16.06 -16.59
N ILE A 439 5.57 16.40 -17.37
CA ILE A 439 5.67 17.49 -18.32
C ILE A 439 4.79 18.63 -17.86
N ASP A 440 5.39 19.83 -17.81
CA ASP A 440 4.68 21.05 -17.46
C ASP A 440 4.36 21.79 -18.76
N VAL A 441 3.12 21.70 -19.22
CA VAL A 441 2.75 22.41 -20.43
C VAL A 441 2.42 23.83 -19.92
N LEU A 442 3.41 24.70 -20.11
CA LEU A 442 3.41 26.10 -19.73
C LEU A 442 3.04 27.00 -20.89
N TYR A 443 2.14 27.93 -20.63
CA TYR A 443 1.65 28.85 -21.64
C TYR A 443 1.22 30.15 -20.99
N ASP A 444 0.82 31.13 -21.82
CA ASP A 444 0.35 32.42 -21.35
C ASP A 444 -1.17 32.44 -21.38
N ARG A 445 -1.77 32.40 -20.19
CA ARG A 445 -3.21 32.38 -20.03
C ARG A 445 -3.95 33.70 -20.30
N THR A 446 -3.19 34.81 -20.34
CA THR A 446 -3.76 36.14 -20.62
C THR A 446 -3.97 36.36 -22.12
N ASN A 447 -3.25 35.57 -22.92
CA ASN A 447 -3.29 35.61 -24.38
C ASN A 447 -4.33 34.55 -24.75
N PRO A 448 -5.52 34.98 -25.24
CA PRO A 448 -6.60 34.05 -25.61
C PRO A 448 -6.30 33.04 -26.74
N GLU A 449 -5.36 33.38 -27.61
CA GLU A 449 -4.99 32.52 -28.73
C GLU A 449 -4.08 31.37 -28.23
N GLU A 450 -3.11 31.69 -27.37
CA GLU A 450 -2.18 30.70 -26.82
C GLU A 450 -2.94 29.75 -25.89
N THR A 451 -3.98 30.30 -25.23
CA THR A 451 -4.84 29.55 -24.31
C THR A 451 -5.65 28.48 -25.04
N LYS A 452 -6.20 28.83 -26.20
CA LYS A 452 -6.99 27.92 -27.04
C LYS A 452 -6.09 26.83 -27.62
N ARG A 453 -4.80 27.15 -27.86
CA ARG A 453 -3.85 26.19 -28.38
C ARG A 453 -3.37 25.22 -27.31
N ALA A 454 -3.29 25.69 -26.06
CA ALA A 454 -2.85 24.87 -24.90
C ALA A 454 -3.86 23.78 -24.59
N ASP A 455 -5.15 24.12 -24.71
CA ASP A 455 -6.26 23.21 -24.49
C ASP A 455 -6.22 22.11 -25.53
N ALA A 456 -5.96 22.52 -26.77
CA ALA A 456 -5.86 21.64 -27.93
C ALA A 456 -4.62 20.74 -27.82
N CYS A 457 -3.53 21.31 -27.33
CA CYS A 457 -2.28 20.58 -27.14
C CYS A 457 -2.44 19.51 -26.09
N PHE A 458 -3.20 19.83 -25.04
CA PHE A 458 -3.42 18.89 -23.95
C PHE A 458 -4.22 17.68 -24.39
N ASN A 459 -5.30 17.92 -25.16
CA ASN A 459 -6.16 16.86 -25.72
C ASN A 459 -5.36 15.93 -26.64
N GLU A 460 -4.49 16.51 -27.45
CA GLU A 460 -3.68 15.75 -28.39
C GLU A 460 -2.60 14.92 -27.69
N LEU A 461 -2.09 15.43 -26.57
CA LEU A 461 -1.07 14.70 -25.80
C LEU A 461 -1.73 13.46 -25.17
N LEU A 462 -3.00 13.60 -24.78
CA LEU A 462 -3.77 12.49 -24.21
C LEU A 462 -4.10 11.47 -25.29
N ASP A 463 -4.53 11.95 -26.46
CA ASP A 463 -4.84 11.08 -27.60
C ASP A 463 -3.61 10.32 -28.09
N GLU A 464 -2.51 11.04 -28.35
CA GLU A 464 -1.26 10.45 -28.80
C GLU A 464 -0.70 9.39 -27.90
N PHE A 465 -0.66 9.70 -26.60
CA PHE A 465 -0.16 8.76 -25.60
C PHE A 465 -1.07 7.57 -25.34
N GLU A 466 -2.39 7.78 -25.38
CA GLU A 466 -3.37 6.71 -25.16
C GLU A 466 -3.24 5.66 -26.27
N LYS A 467 -2.95 6.13 -27.49
CA LYS A 467 -2.77 5.28 -28.67
C LYS A 467 -1.60 4.32 -28.52
N GLU A 468 -0.54 4.77 -27.87
CA GLU A 468 0.64 3.95 -27.64
C GLU A 468 0.59 3.20 -26.30
N GLY A 469 -0.61 3.13 -25.72
CA GLY A 469 -0.83 2.45 -24.46
C GLY A 469 -0.51 3.17 -23.16
N TYR A 470 -0.27 4.48 -23.21
CA TYR A 470 0.03 5.26 -22.01
C TYR A 470 -1.14 6.07 -21.49
N ALA A 471 -1.35 6.07 -20.17
CA ALA A 471 -2.41 6.85 -19.57
C ALA A 471 -1.83 7.61 -18.40
N VAL A 472 -2.43 8.76 -18.09
CA VAL A 472 -1.97 9.56 -16.96
C VAL A 472 -2.70 9.08 -15.71
N TYR A 473 -2.12 9.34 -14.56
CA TYR A 473 -2.68 8.89 -13.29
C TYR A 473 -3.21 9.98 -12.38
N ARG A 474 -3.15 11.23 -12.85
CA ARG A 474 -3.58 12.42 -12.11
C ARG A 474 -3.68 13.52 -13.15
N VAL A 475 -4.74 14.28 -13.10
CA VAL A 475 -4.93 15.29 -14.11
C VAL A 475 -5.83 16.41 -13.58
N ASN A 476 -5.76 17.57 -14.23
CA ASN A 476 -6.59 18.72 -13.89
C ASN A 476 -8.09 18.43 -13.96
N THR A 477 -8.86 19.23 -13.23
CA THR A 477 -10.31 19.06 -13.16
C THR A 477 -11.07 19.05 -14.46
N ARG A 478 -10.57 19.79 -15.44
CA ARG A 478 -11.18 19.90 -16.78
C ARG A 478 -11.06 18.61 -17.60
N PHE A 479 -9.96 17.88 -17.42
CA PHE A 479 -9.72 16.65 -18.16
C PHE A 479 -9.92 15.39 -17.34
N GLN A 480 -10.60 15.50 -16.21
CA GLN A 480 -10.84 14.37 -15.33
C GLN A 480 -11.79 13.30 -15.87
N ASP A 481 -12.81 13.73 -16.61
CA ASP A 481 -13.78 12.81 -17.20
C ASP A 481 -13.16 12.09 -18.39
N ARG A 482 -12.32 12.82 -19.12
CA ARG A 482 -11.62 12.31 -20.30
C ARG A 482 -10.64 11.18 -19.94
N VAL A 483 -9.85 11.39 -18.89
CA VAL A 483 -8.84 10.42 -18.44
C VAL A 483 -9.49 9.15 -17.88
N ALA A 484 -10.68 9.31 -17.30
CA ALA A 484 -11.46 8.18 -16.78
C ALA A 484 -11.74 7.16 -17.92
N GLN A 485 -11.89 7.68 -19.14
CA GLN A 485 -12.15 6.87 -20.35
C GLN A 485 -10.96 6.01 -20.78
N SER A 486 -9.75 6.44 -20.41
CA SER A 486 -8.55 5.69 -20.77
C SER A 486 -8.47 4.33 -20.07
N TYR A 487 -9.15 4.23 -18.93
CA TYR A 487 -9.13 3.03 -18.11
C TYR A 487 -10.23 2.00 -18.35
N GLY A 488 -11.15 2.33 -19.27
CA GLY A 488 -12.20 1.40 -19.64
C GLY A 488 -13.55 1.53 -18.98
N PRO A 489 -14.61 0.89 -19.54
CA PRO A 489 -15.98 0.92 -19.02
C PRO A 489 -16.33 0.14 -17.75
N VAL A 490 -15.73 -1.05 -17.56
CA VAL A 490 -16.00 -1.91 -16.38
C VAL A 490 -15.61 -1.20 -15.08
N LYS A 491 -14.46 -0.52 -15.12
CA LYS A 491 -13.91 0.27 -14.02
C LYS A 491 -14.89 1.38 -13.68
N ARG A 492 -15.38 2.06 -14.71
CA ARG A 492 -16.33 3.15 -14.53
C ARG A 492 -17.65 2.63 -14.00
N LYS A 493 -18.05 1.44 -14.43
CA LYS A 493 -19.31 0.81 -13.98
C LYS A 493 -19.18 0.44 -12.49
N LEU A 494 -18.03 -0.13 -12.11
CA LEU A 494 -17.77 -0.49 -10.71
C LEU A 494 -17.71 0.74 -9.83
N GLU A 495 -17.06 1.80 -10.32
CA GLU A 495 -16.93 3.06 -9.58
C GLU A 495 -18.26 3.79 -9.33
N HIS A 496 -19.20 3.67 -10.27
CA HIS A 496 -20.51 4.31 -10.13
C HIS A 496 -21.43 3.45 -9.25
N ALA A 497 -21.14 2.16 -9.19
CA ALA A 497 -21.91 1.22 -8.36
C ALA A 497 -21.63 1.52 -6.89
N ILE A 498 -20.34 1.71 -6.55
CA ILE A 498 -19.91 2.04 -5.18
C ILE A 498 -20.46 3.45 -4.82
N LYS A 499 -20.48 4.35 -5.81
CA LYS A 499 -20.96 5.73 -5.63
C LYS A 499 -22.43 5.81 -5.29
N ARG A 500 -23.24 4.95 -5.90
CA ARG A 500 -24.68 4.87 -5.64
C ARG A 500 -24.92 4.36 -4.22
N ALA A 501 -24.02 3.47 -3.76
CA ALA A 501 -24.08 2.84 -2.44
C ALA A 501 -23.72 3.72 -1.24
N VAL A 502 -22.73 4.59 -1.43
CA VAL A 502 -22.25 5.45 -0.35
C VAL A 502 -22.72 6.90 -0.45
N ASP A 503 -23.17 7.28 -1.64
CA ASP A 503 -23.63 8.64 -1.90
C ASP A 503 -24.84 8.56 -2.86
N PRO A 504 -26.04 8.15 -2.37
CA PRO A 504 -27.25 8.04 -3.22
C PRO A 504 -27.73 9.38 -3.79
N ASN A 505 -27.52 10.47 -3.04
CA ASN A 505 -27.94 11.80 -3.44
C ASN A 505 -26.96 12.60 -4.30
N ASN A 506 -25.81 11.99 -4.64
CA ASN A 506 -24.76 12.57 -5.50
C ASN A 506 -24.24 13.96 -5.04
N ILE A 507 -24.09 14.13 -3.72
CA ILE A 507 -23.65 15.40 -3.14
C ILE A 507 -22.15 15.53 -2.98
N LEU A 508 -21.46 14.41 -2.83
CA LEU A 508 -20.02 14.42 -2.62
C LEU A 508 -19.25 14.56 -3.93
N ALA A 509 -18.79 15.79 -4.17
CA ALA A 509 -18.00 16.19 -5.34
C ALA A 509 -18.24 15.46 -6.66
N PRO A 510 -19.47 15.52 -7.21
CA PRO A 510 -19.74 14.82 -8.47
C PRO A 510 -18.88 15.33 -9.61
N GLY A 511 -18.24 14.39 -10.30
CA GLY A 511 -17.36 14.71 -11.40
C GLY A 511 -15.90 14.39 -11.11
N ARG A 512 -15.55 14.30 -9.82
CA ARG A 512 -14.19 13.99 -9.37
C ARG A 512 -13.81 12.65 -9.94
N SER A 513 -12.74 12.65 -10.75
CA SER A 513 -12.18 11.44 -11.41
C SER A 513 -13.18 10.74 -12.33
N GLY A 514 -14.13 11.52 -12.83
CA GLY A 514 -15.14 11.00 -13.73
C GLY A 514 -16.27 10.26 -13.06
N ILE A 515 -16.40 10.38 -11.73
CA ILE A 515 -17.46 9.71 -10.98
C ILE A 515 -18.56 10.71 -10.65
N ASP A 516 -19.72 10.50 -11.29
CA ASP A 516 -20.90 11.37 -11.18
C ASP A 516 -22.12 10.49 -11.46
N LEU A 517 -23.14 10.55 -10.61
CA LEU A 517 -24.33 9.74 -10.81
C LEU A 517 -25.24 10.17 -11.97
N ASN A 518 -24.92 11.31 -12.57
CA ASN A 518 -25.67 11.82 -13.72
C ASN A 518 -25.12 11.23 -15.00
N ASN A 519 -24.12 10.35 -14.85
CA ASN A 519 -23.52 9.64 -15.97
C ASN A 519 -24.32 8.36 -16.17
N ASP A 520 -24.22 7.77 -17.36
CA ASP A 520 -24.97 6.55 -17.64
C ASP A 520 -24.12 5.28 -17.50
N PHE A 521 -23.82 4.94 -16.24
CA PHE A 521 -23.03 3.75 -15.88
C PHE A 521 -23.68 2.98 -14.74
N SER B 2 -4.70 37.10 16.67
CA SER B 2 -4.13 37.21 15.29
C SER B 2 -3.69 35.84 14.72
N GLN B 3 -4.16 35.55 13.51
CA GLN B 3 -3.91 34.31 12.76
C GLN B 3 -2.43 33.93 12.52
N TRP B 4 -1.60 34.92 12.19
CA TRP B 4 -0.16 34.69 11.96
C TRP B 4 0.68 35.38 13.02
N GLY B 5 -0.01 36.05 13.97
CA GLY B 5 0.65 36.76 15.06
C GLY B 5 1.12 38.16 14.71
N SER B 6 2.16 38.21 13.87
CA SER B 6 2.76 39.45 13.40
C SER B 6 2.83 39.44 11.88
N GLY B 7 3.15 40.61 11.31
CA GLY B 7 3.28 40.75 9.86
C GLY B 7 4.57 40.12 9.36
N LYS B 8 5.61 40.18 10.19
CA LYS B 8 6.93 39.61 9.89
C LYS B 8 6.80 38.09 9.81
N ASN B 9 5.86 37.55 10.59
CA ASN B 9 5.64 36.11 10.63
C ASN B 9 5.00 35.61 9.33
N LEU B 10 3.94 36.28 8.86
CA LEU B 10 3.26 35.91 7.61
C LEU B 10 4.25 36.00 6.45
N TYR B 11 5.14 36.99 6.52
CA TYR B 11 6.13 37.20 5.49
C TYR B 11 7.15 36.07 5.48
N ASP B 12 7.65 35.70 6.65
CA ASP B 12 8.65 34.62 6.78
C ASP B 12 8.13 33.24 6.47
N LYS B 13 6.87 33.01 6.80
CA LYS B 13 6.23 31.70 6.60
C LYS B 13 5.59 31.47 5.23
N VAL B 14 5.03 32.51 4.62
CA VAL B 14 4.38 32.38 3.33
C VAL B 14 5.03 33.18 2.19
N CYS B 15 4.79 34.50 2.18
CA CYS B 15 5.27 35.42 1.15
C CYS B 15 6.77 35.42 0.82
N GLY B 16 7.60 35.46 1.85
CA GLY B 16 9.04 35.48 1.70
C GLY B 16 9.67 34.33 0.93
N HIS B 17 8.97 33.20 0.90
CA HIS B 17 9.42 31.99 0.19
C HIS B 17 9.55 32.16 -1.31
N CYS B 18 8.86 33.18 -1.82
CA CYS B 18 8.87 33.54 -3.23
C CYS B 18 9.43 34.95 -3.44
N HIS B 19 9.07 35.84 -2.52
CA HIS B 19 9.42 37.25 -2.55
C HIS B 19 10.73 37.76 -1.99
N LYS B 20 11.36 37.09 -1.02
CA LYS B 20 12.65 37.52 -0.47
C LYS B 20 13.68 37.68 -1.61
N PRO B 21 14.44 38.81 -1.65
CA PRO B 21 15.44 39.06 -2.71
C PRO B 21 16.37 37.90 -3.13
N GLU B 22 16.73 37.04 -2.17
CA GLU B 22 17.61 35.90 -2.43
C GLU B 22 16.93 34.80 -3.24
N VAL B 23 15.61 34.66 -3.10
CA VAL B 23 14.83 33.65 -3.82
C VAL B 23 14.58 34.16 -5.24
N GLY B 24 13.73 35.16 -5.39
CA GLY B 24 13.46 35.72 -6.68
C GLY B 24 12.37 35.15 -7.59
N VAL B 25 11.37 34.50 -7.02
CA VAL B 25 10.27 33.97 -7.86
C VAL B 25 9.34 35.15 -8.14
N GLY B 26 9.20 36.00 -7.13
CA GLY B 26 8.38 37.18 -7.26
C GLY B 26 9.23 38.43 -7.04
N PRO B 27 8.76 39.62 -7.45
CA PRO B 27 9.54 40.88 -7.26
C PRO B 27 9.68 41.26 -5.79
N VAL B 28 10.66 42.10 -5.49
CA VAL B 28 10.90 42.57 -4.12
C VAL B 28 9.74 43.46 -3.67
N LEU B 29 9.27 43.24 -2.45
CA LEU B 29 8.18 44.01 -1.89
C LEU B 29 8.67 44.88 -0.73
N GLU B 30 9.87 44.55 -0.24
CA GLU B 30 10.55 45.22 0.89
C GLU B 30 10.91 46.67 0.62
N GLY B 31 10.25 47.56 1.36
CA GLY B 31 10.47 48.99 1.27
C GLY B 31 10.16 49.66 -0.05
N ARG B 32 9.09 49.22 -0.69
CA ARG B 32 8.67 49.79 -1.96
C ARG B 32 7.45 50.69 -1.80
N GLY B 33 6.88 50.69 -0.59
CA GLY B 33 5.73 51.51 -0.26
C GLY B 33 4.41 51.19 -0.93
N LEU B 34 4.20 49.92 -1.27
CA LEU B 34 2.97 49.52 -1.93
C LEU B 34 1.77 49.62 -0.99
N PRO B 35 0.69 50.29 -1.44
CA PRO B 35 -0.54 50.45 -0.64
C PRO B 35 -1.12 49.11 -0.16
N GLU B 36 -1.74 49.14 1.02
CA GLU B 36 -2.39 47.99 1.63
C GLU B 36 -3.53 47.45 0.75
N ALA B 37 -4.30 48.37 0.15
CA ALA B 37 -5.43 48.03 -0.72
C ALA B 37 -5.00 47.28 -1.98
N TYR B 38 -3.74 47.50 -2.40
CA TYR B 38 -3.18 46.82 -3.57
C TYR B 38 -2.75 45.40 -3.19
N ILE B 39 -2.01 45.31 -2.08
CA ILE B 39 -1.55 44.03 -1.52
C ILE B 39 -2.72 43.08 -1.22
N LYS B 40 -3.89 43.66 -0.88
CA LYS B 40 -5.10 42.89 -0.60
C LYS B 40 -5.73 42.35 -1.87
N ASP B 41 -5.72 43.14 -2.95
CA ASP B 41 -6.32 42.70 -4.21
C ASP B 41 -5.49 41.66 -4.94
N ILE B 42 -4.18 41.76 -4.82
CA ILE B 42 -3.26 40.79 -5.44
C ILE B 42 -3.39 39.45 -4.70
N VAL B 43 -3.43 39.48 -3.37
CA VAL B 43 -3.57 38.25 -2.59
C VAL B 43 -4.94 37.58 -2.76
N ARG B 44 -6.01 38.36 -2.81
CA ARG B 44 -7.34 37.79 -2.99
C ARG B 44 -7.67 37.40 -4.44
N ASN B 45 -7.06 38.05 -5.43
CA ASN B 45 -7.36 37.69 -6.82
C ASN B 45 -6.30 36.81 -7.39
N GLY B 46 -5.07 37.01 -6.92
CA GLY B 46 -3.93 36.29 -7.47
C GLY B 46 -3.52 37.14 -8.66
N PHE B 47 -2.30 36.98 -9.14
CA PHE B 47 -1.89 37.75 -10.30
C PHE B 47 -0.99 36.93 -11.20
N ARG B 48 -1.57 36.44 -12.28
CA ARG B 48 -0.86 35.64 -13.28
C ARG B 48 -0.09 34.44 -12.66
N ALA B 49 1.24 34.53 -12.55
CA ALA B 49 2.05 33.44 -11.96
C ALA B 49 1.80 33.26 -10.45
N MET B 50 1.42 34.34 -9.79
CA MET B 50 1.14 34.34 -8.36
C MET B 50 -0.23 33.75 -8.01
N PRO B 51 -0.27 32.81 -7.03
CA PRO B 51 -1.55 32.24 -6.64
C PRO B 51 -2.36 33.15 -5.71
N ALA B 52 -3.62 32.77 -5.52
CA ALA B 52 -4.52 33.49 -4.65
C ALA B 52 -4.63 32.75 -3.32
N PHE B 53 -4.74 33.50 -2.23
CA PHE B 53 -4.92 32.92 -0.90
C PHE B 53 -6.30 33.34 -0.37
N PRO B 54 -7.16 32.37 0.01
CA PRO B 54 -8.47 32.74 0.55
C PRO B 54 -8.33 33.27 1.99
N ALA B 55 -9.38 33.90 2.50
CA ALA B 55 -9.39 34.48 3.85
C ALA B 55 -9.07 33.46 4.95
N SER B 56 -9.47 32.20 4.72
CA SER B 56 -9.23 31.09 5.63
C SER B 56 -7.73 30.81 5.79
N TYR B 57 -6.96 31.10 4.74
CA TYR B 57 -5.52 30.91 4.74
C TYR B 57 -4.80 32.15 5.31
N VAL B 58 -5.10 33.31 4.73
CA VAL B 58 -4.53 34.59 5.13
C VAL B 58 -5.69 35.59 5.26
N ASP B 59 -6.13 35.88 6.50
CA ASP B 59 -7.23 36.83 6.76
C ASP B 59 -6.90 38.31 6.51
N ASP B 60 -7.93 39.15 6.42
CA ASP B 60 -7.80 40.61 6.17
C ASP B 60 -6.86 41.33 7.13
N GLU B 61 -6.89 40.91 8.40
CA GLU B 61 -6.08 41.50 9.45
C GLU B 61 -4.58 41.25 9.29
N SER B 62 -4.23 40.05 8.81
CA SER B 62 -2.83 39.67 8.62
C SER B 62 -2.28 40.35 7.37
N LEU B 63 -3.20 40.72 6.49
CA LEU B 63 -2.86 41.42 5.26
C LEU B 63 -2.42 42.87 5.54
N THR B 64 -3.10 43.49 6.52
CA THR B 64 -2.82 44.85 6.99
C THR B 64 -1.46 44.85 7.70
N GLN B 65 -1.24 43.84 8.53
CA GLN B 65 0.03 43.68 9.24
C GLN B 65 1.24 43.51 8.30
N VAL B 66 1.10 42.67 7.25
CA VAL B 66 2.18 42.43 6.29
C VAL B 66 2.45 43.67 5.43
N ALA B 67 1.39 44.39 5.08
CA ALA B 67 1.48 45.64 4.31
C ALA B 67 2.33 46.65 5.11
N GLU B 68 2.02 46.77 6.40
CA GLU B 68 2.75 47.67 7.30
C GLU B 68 4.20 47.26 7.56
N TYR B 69 4.47 45.96 7.60
CA TYR B 69 5.83 45.46 7.83
C TYR B 69 6.72 45.72 6.59
N LEU B 70 6.11 45.61 5.41
CA LEU B 70 6.80 45.80 4.15
C LEU B 70 7.25 47.23 3.91
N SER B 71 6.39 48.19 4.26
CA SER B 71 6.68 49.63 4.10
C SER B 71 7.84 50.08 5.00
N SER B 72 7.83 49.61 6.25
CA SER B 72 8.84 49.94 7.26
C SER B 72 10.29 49.45 7.04
N LEU B 73 10.49 48.59 6.03
CA LEU B 73 11.82 48.05 5.73
C LEU B 73 12.57 48.87 4.67
N PRO B 74 13.93 48.81 4.64
CA PRO B 74 14.68 49.56 3.62
C PRO B 74 14.67 48.92 2.20
N ALA C 7 -28.71 -34.68 1.67
CA ALA C 7 -27.42 -34.58 2.43
C ALA C 7 -27.12 -33.11 2.81
N VAL C 8 -25.90 -32.65 2.56
CA VAL C 8 -25.49 -31.28 2.85
C VAL C 8 -25.95 -30.34 1.71
N LEU C 9 -26.69 -29.31 2.09
CA LEU C 9 -27.25 -28.36 1.15
C LEU C 9 -27.00 -26.90 1.59
N PRO C 10 -26.93 -25.94 0.62
CA PRO C 10 -26.71 -24.53 0.96
C PRO C 10 -27.87 -23.92 1.73
N LYS C 11 -27.56 -22.98 2.61
CA LYS C 11 -28.55 -22.30 3.45
C LYS C 11 -29.55 -21.48 2.59
N GLY C 12 -30.78 -21.98 2.54
CA GLY C 12 -31.85 -21.33 1.78
C GLY C 12 -32.14 -21.94 0.41
N VAL C 13 -31.32 -22.91 0.00
CA VAL C 13 -31.49 -23.59 -1.28
C VAL C 13 -32.12 -24.97 -1.09
N THR C 14 -33.16 -25.25 -1.89
CA THR C 14 -33.90 -26.52 -1.88
C THR C 14 -33.17 -27.56 -2.75
N GLN C 15 -33.45 -28.85 -2.52
CA GLN C 15 -32.82 -29.96 -3.24
C GLN C 15 -32.99 -29.89 -4.76
N GLY C 16 -34.16 -29.44 -5.21
CA GLY C 16 -34.46 -29.32 -6.63
C GLY C 16 -33.74 -28.18 -7.30
N GLU C 17 -33.66 -27.05 -6.58
CA GLU C 17 -32.99 -25.84 -7.05
C GLU C 17 -31.46 -26.08 -7.11
N PHE C 18 -30.95 -26.87 -6.17
CA PHE C 18 -29.54 -27.24 -6.10
C PHE C 18 -29.22 -28.19 -7.25
N ASN C 19 -30.17 -29.07 -7.58
CA ASN C 19 -30.02 -30.05 -8.66
C ASN C 19 -30.00 -29.42 -10.05
N LYS C 20 -30.72 -28.30 -10.23
CA LYS C 20 -30.73 -27.58 -11.50
C LYS C 20 -29.36 -26.95 -11.69
N ALA C 21 -28.83 -26.38 -10.59
CA ALA C 21 -27.53 -25.73 -10.55
C ALA C 21 -26.39 -26.69 -10.87
N VAL C 22 -26.39 -27.86 -10.23
CA VAL C 22 -25.36 -28.89 -10.46
C VAL C 22 -25.44 -29.41 -11.90
N GLN C 23 -26.63 -29.36 -12.49
CA GLN C 23 -26.83 -29.82 -13.87
C GLN C 23 -26.15 -28.83 -14.83
N LYS C 24 -26.34 -27.54 -14.56
CA LYS C 24 -25.73 -26.48 -15.37
C LYS C 24 -24.20 -26.43 -15.18
N PHE C 25 -23.73 -26.76 -13.96
CA PHE C 25 -22.29 -26.78 -13.66
C PHE C 25 -21.60 -27.85 -14.50
N ARG C 26 -22.28 -29.00 -14.64
CA ARG C 26 -21.78 -30.15 -15.41
C ARG C 26 -21.70 -29.86 -16.90
N ALA C 27 -22.73 -29.22 -17.43
CA ALA C 27 -22.81 -28.85 -18.85
C ALA C 27 -21.72 -27.86 -19.26
N LEU C 28 -21.40 -26.93 -18.34
CA LEU C 28 -20.39 -25.90 -18.55
C LEU C 28 -18.93 -26.39 -18.39
N LEU C 29 -18.69 -27.12 -17.30
CA LEU C 29 -17.36 -27.60 -16.94
C LEU C 29 -16.96 -29.02 -17.32
N GLY C 30 -17.96 -29.91 -17.39
CA GLY C 30 -17.69 -31.31 -17.68
C GLY C 30 -18.10 -32.09 -16.44
N ASP C 31 -17.99 -33.42 -16.49
CA ASP C 31 -18.38 -34.24 -15.35
C ASP C 31 -17.28 -34.38 -14.30
N ASP C 32 -16.04 -34.49 -14.76
CA ASP C 32 -14.89 -34.64 -13.87
C ASP C 32 -14.43 -33.34 -13.17
N ASN C 33 -15.15 -32.25 -13.44
CA ASN C 33 -14.85 -30.96 -12.84
C ASN C 33 -15.89 -30.54 -11.81
N VAL C 34 -16.93 -31.36 -11.65
CA VAL C 34 -18.00 -31.11 -10.68
C VAL C 34 -17.98 -32.29 -9.72
N LEU C 35 -17.75 -31.99 -8.44
CA LEU C 35 -17.65 -32.98 -7.38
C LEU C 35 -18.82 -32.85 -6.41
N VAL C 36 -19.65 -33.90 -6.30
CA VAL C 36 -20.82 -33.90 -5.40
C VAL C 36 -20.88 -35.06 -4.41
N GLU C 37 -19.99 -36.04 -4.59
CA GLU C 37 -19.92 -37.21 -3.73
C GLU C 37 -19.02 -37.00 -2.50
N SER C 38 -19.46 -37.55 -1.37
CA SER C 38 -18.76 -37.44 -0.09
C SER C 38 -17.29 -37.81 -0.08
N ASP C 39 -16.93 -38.85 -0.84
CA ASP C 39 -15.55 -39.34 -0.90
C ASP C 39 -14.54 -38.43 -1.61
N GLN C 40 -15.04 -37.57 -2.50
CA GLN C 40 -14.20 -36.64 -3.24
C GLN C 40 -14.27 -35.21 -2.63
N LEU C 41 -15.24 -35.02 -1.75
CA LEU C 41 -15.46 -33.77 -1.03
C LEU C 41 -14.79 -33.78 0.35
N VAL C 42 -14.46 -34.97 0.84
CA VAL C 42 -13.87 -35.10 2.15
C VAL C 42 -12.50 -34.40 2.37
N PRO C 43 -11.62 -34.33 1.34
CA PRO C 43 -10.35 -33.65 1.61
C PRO C 43 -10.39 -32.12 1.77
N TYR C 44 -11.52 -31.52 1.42
CA TYR C 44 -11.70 -30.10 1.56
C TYR C 44 -12.15 -29.78 2.99
N ASN C 45 -12.76 -30.78 3.63
CA ASN C 45 -13.31 -30.70 4.98
C ASN C 45 -12.32 -30.72 6.14
N LYS C 46 -11.10 -31.21 5.92
CA LYS C 46 -10.06 -31.27 6.95
C LYS C 46 -9.72 -29.88 7.56
N ILE C 47 -10.07 -29.71 8.83
CA ILE C 47 -9.86 -28.47 9.58
C ILE C 47 -9.16 -28.72 10.91
N MET C 48 -8.48 -27.70 11.43
CA MET C 48 -7.72 -27.77 12.69
C MET C 48 -8.42 -26.91 13.74
N MET C 49 -9.67 -26.56 13.45
CA MET C 49 -10.52 -25.75 14.31
C MET C 49 -11.30 -26.63 15.32
N PRO C 50 -11.56 -26.11 16.54
CA PRO C 50 -12.28 -26.82 17.61
C PRO C 50 -13.80 -26.93 17.39
N VAL C 51 -14.17 -27.56 16.28
CA VAL C 51 -15.56 -27.75 15.90
C VAL C 51 -15.61 -28.99 15.00
N GLU C 52 -16.76 -29.65 14.98
CA GLU C 52 -16.94 -30.82 14.14
C GLU C 52 -16.97 -30.42 12.67
N ASN C 53 -16.50 -31.33 11.81
CA ASN C 53 -16.44 -31.13 10.37
C ASN C 53 -17.73 -30.69 9.68
N ALA C 54 -18.86 -31.16 10.20
CA ALA C 54 -20.19 -30.88 9.68
C ALA C 54 -20.56 -29.40 9.58
N ALA C 55 -19.91 -28.60 10.44
CA ALA C 55 -20.14 -27.16 10.51
C ALA C 55 -19.54 -26.38 9.34
N HIS C 56 -18.51 -26.98 8.71
CA HIS C 56 -17.80 -26.36 7.58
C HIS C 56 -17.69 -27.33 6.40
N ALA C 57 -18.75 -28.14 6.25
CA ALA C 57 -18.84 -29.12 5.18
C ALA C 57 -19.43 -28.51 3.92
N PRO C 58 -18.74 -28.70 2.78
CA PRO C 58 -19.22 -28.16 1.51
C PRO C 58 -20.31 -29.03 0.88
N SER C 59 -21.19 -28.42 0.08
CA SER C 59 -22.23 -29.15 -0.63
C SER C 59 -21.69 -29.75 -1.91
N ALA C 60 -20.83 -29.00 -2.58
CA ALA C 60 -20.21 -29.44 -3.83
C ALA C 60 -18.85 -28.78 -3.98
N ALA C 61 -18.16 -29.09 -5.08
CA ALA C 61 -16.86 -28.52 -5.38
C ALA C 61 -16.66 -28.51 -6.89
N VAL C 62 -16.50 -27.32 -7.45
CA VAL C 62 -16.25 -27.17 -8.88
C VAL C 62 -14.83 -26.67 -9.14
N THR C 63 -14.22 -27.16 -10.21
CA THR C 63 -12.87 -26.75 -10.58
C THR C 63 -12.83 -26.07 -11.96
N ALA C 64 -12.57 -24.77 -11.96
CA ALA C 64 -12.48 -23.96 -13.19
C ALA C 64 -11.02 -23.84 -13.61
N THR C 65 -10.79 -23.67 -14.92
CA THR C 65 -9.43 -23.52 -15.47
C THR C 65 -9.21 -22.22 -16.23
N THR C 66 -10.32 -21.61 -16.66
CA THR C 66 -10.30 -20.37 -17.42
C THR C 66 -11.19 -19.33 -16.78
N VAL C 67 -10.99 -18.05 -17.13
CA VAL C 67 -11.76 -16.91 -16.64
C VAL C 67 -13.22 -17.01 -17.11
N GLU C 68 -13.42 -17.53 -18.33
CA GLU C 68 -14.73 -17.71 -18.96
C GLU C 68 -15.60 -18.68 -18.17
N GLN C 69 -14.93 -19.70 -17.61
CA GLN C 69 -15.60 -20.70 -16.78
C GLN C 69 -16.06 -20.10 -15.44
N VAL C 70 -15.21 -19.24 -14.84
CA VAL C 70 -15.51 -18.53 -13.58
C VAL C 70 -16.71 -17.59 -13.79
N GLN C 71 -16.75 -16.97 -14.97
CA GLN C 71 -17.87 -16.09 -15.34
C GLN C 71 -19.15 -16.91 -15.50
N GLY C 72 -18.98 -18.16 -15.95
CA GLY C 72 -20.10 -19.08 -16.15
C GLY C 72 -20.64 -19.56 -14.82
N VAL C 73 -19.72 -19.90 -13.93
CA VAL C 73 -20.04 -20.35 -12.57
C VAL C 73 -20.82 -19.28 -11.78
N VAL C 74 -20.41 -18.01 -11.82
CA VAL C 74 -21.13 -16.95 -11.08
C VAL C 74 -22.51 -16.65 -11.69
N LYS C 75 -22.62 -16.86 -13.01
CA LYS C 75 -23.87 -16.65 -13.77
C LYS C 75 -24.91 -17.66 -13.27
N ILE C 76 -24.47 -18.92 -13.15
CA ILE C 76 -25.31 -20.03 -12.66
C ILE C 76 -25.64 -19.83 -11.19
N CYS C 77 -24.66 -19.34 -10.41
CA CYS C 77 -24.83 -19.11 -8.99
C CYS C 77 -25.84 -18.00 -8.71
N ASN C 78 -25.94 -17.04 -9.62
CA ASN C 78 -26.89 -15.94 -9.45
C ASN C 78 -28.32 -16.39 -9.75
N GLU C 79 -28.44 -17.34 -10.69
CA GLU C 79 -29.73 -17.87 -11.11
C GLU C 79 -30.42 -18.67 -10.01
N HIS C 80 -29.63 -19.52 -9.34
CA HIS C 80 -30.14 -20.40 -8.29
C HIS C 80 -29.70 -20.09 -6.85
N LYS C 81 -29.27 -18.83 -6.64
CA LYS C 81 -28.78 -18.29 -5.34
C LYS C 81 -27.85 -19.23 -4.54
N ILE C 82 -26.88 -19.81 -5.26
CA ILE C 82 -25.89 -20.74 -4.71
C ILE C 82 -24.65 -20.02 -4.14
N PRO C 83 -24.42 -20.10 -2.81
CA PRO C 83 -23.26 -19.48 -2.14
C PRO C 83 -21.96 -20.18 -2.53
N ILE C 84 -21.03 -19.40 -3.07
CA ILE C 84 -19.76 -19.94 -3.51
C ILE C 84 -18.56 -19.47 -2.68
N TRP C 85 -17.72 -20.41 -2.24
CA TRP C 85 -16.50 -20.12 -1.45
C TRP C 85 -15.27 -20.36 -2.32
N THR C 86 -14.53 -19.29 -2.61
CA THR C 86 -13.35 -19.43 -3.48
C THR C 86 -12.03 -19.69 -2.75
N ILE C 87 -11.29 -20.68 -3.27
CA ILE C 87 -9.96 -21.05 -2.77
C ILE C 87 -8.98 -21.13 -3.97
N SER C 88 -7.70 -20.92 -3.70
CA SER C 88 -6.66 -20.93 -4.72
C SER C 88 -5.83 -22.18 -4.53
N THR C 89 -4.93 -22.16 -3.55
CA THR C 89 -4.13 -23.34 -3.23
C THR C 89 -4.75 -24.04 -2.00
N GLY C 90 -5.60 -23.31 -1.26
CA GLY C 90 -6.32 -23.79 -0.09
C GLY C 90 -5.58 -24.37 1.10
N ARG C 91 -4.35 -23.91 1.31
CA ARG C 91 -3.53 -24.41 2.40
C ARG C 91 -3.56 -23.46 3.60
N ASN C 92 -4.74 -22.92 3.90
CA ASN C 92 -4.92 -21.96 5.00
C ASN C 92 -5.00 -22.54 6.42
N PHE C 93 -4.01 -23.35 6.80
CA PHE C 93 -3.90 -24.01 8.11
C PHE C 93 -3.90 -23.08 9.29
N GLY C 94 -4.86 -23.32 10.19
CA GLY C 94 -5.03 -22.51 11.38
C GLY C 94 -5.94 -21.33 11.10
N TYR C 95 -6.43 -21.22 9.86
CA TYR C 95 -7.33 -20.14 9.45
C TYR C 95 -8.62 -20.61 8.78
N GLY C 96 -8.84 -21.92 8.73
CA GLY C 96 -10.06 -22.45 8.12
C GLY C 96 -9.80 -23.49 7.07
N SER C 97 -8.53 -23.59 6.63
CA SER C 97 -8.04 -24.50 5.59
C SER C 97 -8.74 -24.24 4.25
N ALA C 98 -9.30 -25.27 3.63
CA ALA C 98 -9.98 -25.13 2.35
C ALA C 98 -11.49 -25.18 2.50
N ALA C 99 -11.93 -25.35 3.75
CA ALA C 99 -13.34 -25.47 4.09
C ALA C 99 -14.07 -24.15 4.14
N PRO C 100 -15.37 -24.11 3.72
CA PRO C 100 -16.18 -22.89 3.73
C PRO C 100 -16.36 -22.25 5.09
N VAL C 101 -16.80 -21.00 5.09
CA VAL C 101 -17.06 -20.27 6.32
C VAL C 101 -18.41 -20.72 6.91
N GLN C 102 -19.32 -21.14 6.03
CA GLN C 102 -20.65 -21.61 6.41
C GLN C 102 -20.95 -22.95 5.78
N ARG C 103 -21.70 -23.78 6.51
CA ARG C 103 -22.09 -25.11 6.09
C ARG C 103 -22.92 -25.05 4.81
N GLY C 104 -22.52 -25.85 3.83
CA GLY C 104 -23.26 -25.97 2.59
C GLY C 104 -22.87 -25.18 1.37
N GLN C 105 -21.86 -24.32 1.45
CA GLN C 105 -21.44 -23.54 0.30
C GLN C 105 -20.69 -24.42 -0.69
N VAL C 106 -20.71 -24.03 -1.96
CA VAL C 106 -19.99 -24.77 -3.01
C VAL C 106 -18.60 -24.18 -3.05
N ILE C 107 -17.60 -25.04 -3.23
CA ILE C 107 -16.23 -24.60 -3.29
C ILE C 107 -15.79 -24.37 -4.74
N LEU C 108 -15.33 -23.16 -5.03
CA LEU C 108 -14.78 -22.86 -6.34
C LEU C 108 -13.27 -23.06 -6.11
N ASP C 109 -12.80 -24.23 -6.53
CA ASP C 109 -11.42 -24.62 -6.41
C ASP C 109 -10.68 -24.24 -7.69
N LEU C 110 -9.80 -23.25 -7.58
CA LEU C 110 -9.04 -22.77 -8.72
C LEU C 110 -7.61 -23.28 -8.72
N LYS C 111 -7.40 -24.48 -8.13
CA LYS C 111 -6.05 -25.07 -8.06
C LYS C 111 -5.50 -25.44 -9.43
N LYS C 112 -6.41 -25.85 -10.33
CA LYS C 112 -6.05 -26.25 -11.68
C LYS C 112 -5.73 -25.08 -12.64
N MET C 113 -6.15 -23.88 -12.26
CA MET C 113 -5.89 -22.64 -13.00
C MET C 113 -4.50 -22.25 -12.48
N ASN C 114 -3.49 -22.99 -12.93
CA ASN C 114 -2.10 -22.83 -12.46
C ASN C 114 -0.99 -22.38 -13.43
N LYS C 115 -1.30 -21.41 -14.30
CA LYS C 115 -0.32 -20.92 -15.26
C LYS C 115 0.49 -19.69 -14.78
N ILE C 116 1.82 -19.79 -14.87
CA ILE C 116 2.75 -18.69 -14.54
C ILE C 116 2.77 -17.89 -15.84
N ILE C 117 2.02 -16.78 -15.88
CA ILE C 117 1.91 -15.96 -17.07
C ILE C 117 3.18 -15.22 -17.52
N LYS C 118 3.95 -14.67 -16.58
CA LYS C 118 5.16 -13.92 -16.90
C LYS C 118 5.98 -13.64 -15.65
N ILE C 119 7.30 -13.80 -15.77
CA ILE C 119 8.25 -13.49 -14.70
C ILE C 119 9.30 -12.67 -15.43
N ASP C 120 9.27 -11.36 -15.22
CA ASP C 120 10.21 -10.43 -15.85
C ASP C 120 11.47 -10.38 -14.96
N PRO C 121 12.62 -10.83 -15.49
CA PRO C 121 13.85 -10.80 -14.68
C PRO C 121 14.56 -9.45 -14.60
N GLU C 122 14.13 -8.52 -15.45
CA GLU C 122 14.70 -7.17 -15.50
C GLU C 122 13.88 -6.18 -14.67
N MET C 123 12.57 -6.16 -14.89
CA MET C 123 11.69 -5.29 -14.12
C MET C 123 11.35 -5.89 -12.77
N CYS C 124 11.66 -7.18 -12.60
CA CYS C 124 11.44 -7.94 -11.38
C CYS C 124 10.01 -8.01 -10.86
N TYR C 125 9.17 -8.68 -11.63
CA TYR C 125 7.78 -8.92 -11.27
C TYR C 125 7.30 -10.28 -11.75
N ALA C 126 6.12 -10.67 -11.28
CA ALA C 126 5.51 -11.94 -11.67
C ALA C 126 4.02 -11.74 -11.80
N LEU C 127 3.42 -12.35 -12.82
CA LEU C 127 1.97 -12.29 -13.05
C LEU C 127 1.56 -13.76 -13.09
N VAL C 128 0.82 -14.18 -12.08
CA VAL C 128 0.40 -15.57 -11.95
C VAL C 128 -1.10 -15.76 -11.80
N GLU C 129 -1.50 -17.02 -11.89
CA GLU C 129 -2.89 -17.44 -11.79
C GLU C 129 -3.01 -18.04 -10.36
N PRO C 130 -4.25 -18.17 -9.80
CA PRO C 130 -4.49 -18.72 -8.46
C PRO C 130 -3.85 -20.03 -8.01
N GLY C 131 -3.84 -21.01 -8.91
CA GLY C 131 -3.29 -22.31 -8.59
C GLY C 131 -1.79 -22.45 -8.52
N VAL C 132 -1.05 -21.43 -8.96
CA VAL C 132 0.41 -21.47 -8.91
C VAL C 132 0.89 -21.55 -7.47
N THR C 133 1.78 -22.48 -7.21
CA THR C 133 2.32 -22.62 -5.87
C THR C 133 3.71 -21.98 -5.85
N PHE C 134 4.24 -21.74 -4.65
CA PHE C 134 5.56 -21.16 -4.49
C PHE C 134 6.59 -22.20 -4.94
N GLY C 135 6.26 -23.49 -4.80
CA GLY C 135 7.13 -24.57 -5.22
C GLY C 135 7.28 -24.58 -6.74
N GLN C 136 6.15 -24.36 -7.42
CA GLN C 136 6.09 -24.29 -8.88
C GLN C 136 6.93 -23.12 -9.39
N MET C 137 6.84 -22.00 -8.67
CA MET C 137 7.59 -20.79 -8.99
C MET C 137 9.09 -20.93 -8.75
N TYR C 138 9.46 -21.64 -7.68
CA TYR C 138 10.86 -21.85 -7.33
C TYR C 138 11.55 -22.74 -8.35
N ASP C 139 10.84 -23.76 -8.86
CA ASP C 139 11.39 -24.66 -9.88
C ASP C 139 11.69 -23.87 -11.15
N TYR C 140 10.70 -23.09 -11.60
CA TYR C 140 10.79 -22.24 -12.79
C TYR C 140 11.95 -21.22 -12.67
N ILE C 141 12.19 -20.72 -11.47
CA ILE C 141 13.28 -19.77 -11.24
C ILE C 141 14.63 -20.50 -11.25
N GLN C 142 14.69 -21.71 -10.70
CA GLN C 142 15.94 -22.48 -10.67
C GLN C 142 16.30 -23.09 -12.03
N GLU C 143 15.28 -23.51 -12.78
CA GLU C 143 15.46 -24.09 -14.10
C GLU C 143 15.93 -23.02 -15.09
N ASN C 144 15.22 -21.90 -15.14
CA ASN C 144 15.54 -20.81 -16.07
C ASN C 144 16.59 -19.79 -15.64
N ASN C 145 17.29 -20.08 -14.54
CA ASN C 145 18.37 -19.25 -13.97
C ASN C 145 18.11 -17.74 -13.81
N LEU C 146 16.89 -17.40 -13.37
CA LEU C 146 16.47 -16.01 -13.16
C LEU C 146 17.03 -15.42 -11.85
N PRO C 147 17.61 -14.19 -11.90
CA PRO C 147 18.18 -13.56 -10.69
C PRO C 147 17.14 -12.90 -9.75
N VAL C 148 16.05 -13.62 -9.50
CA VAL C 148 15.01 -13.15 -8.59
C VAL C 148 14.93 -14.03 -7.35
N MET C 149 14.38 -13.45 -6.30
CA MET C 149 14.19 -14.12 -5.02
C MET C 149 12.70 -14.10 -4.73
N LEU C 150 12.26 -15.10 -3.99
CA LEU C 150 10.85 -15.29 -3.66
C LEU C 150 10.64 -15.07 -2.17
N SER C 151 9.43 -14.64 -1.80
CA SER C 151 9.09 -14.43 -0.38
C SER C 151 7.86 -15.23 -0.05
N PHE C 152 7.93 -15.93 1.08
CA PHE C 152 6.83 -16.75 1.58
C PHE C 152 7.00 -17.09 3.05
N SER C 153 5.99 -17.77 3.56
CA SER C 153 5.99 -18.23 4.94
C SER C 153 6.21 -19.73 4.92
N ALA C 154 6.22 -20.36 6.12
CA ALA C 154 6.46 -21.80 6.26
C ALA C 154 5.79 -22.80 5.28
N PRO C 155 4.46 -22.65 4.97
CA PRO C 155 3.82 -23.58 4.03
C PRO C 155 4.47 -23.58 2.65
N SER C 156 5.22 -22.50 2.39
CA SER C 156 6.00 -22.26 1.18
C SER C 156 5.67 -23.09 -0.06
N ALA C 157 6.41 -24.19 -0.23
CA ALA C 157 6.29 -25.12 -1.35
C ALA C 157 4.90 -25.50 -1.78
N ILE C 158 4.04 -25.78 -0.80
CA ILE C 158 2.67 -26.20 -1.08
C ILE C 158 1.62 -25.11 -1.15
N ALA C 159 2.00 -23.91 -0.74
CA ALA C 159 1.08 -22.77 -0.74
C ALA C 159 1.30 -21.87 -1.95
N GLY C 160 0.45 -20.86 -2.12
CA GLY C 160 0.59 -19.97 -3.25
C GLY C 160 0.52 -18.47 -3.01
N PRO C 161 1.07 -17.67 -3.94
CA PRO C 161 1.09 -16.20 -3.88
C PRO C 161 -0.30 -15.58 -3.81
N VAL C 162 -1.21 -16.02 -4.69
CA VAL C 162 -2.56 -15.44 -4.74
C VAL C 162 -3.37 -15.62 -3.44
N GLY C 163 -3.45 -16.86 -2.95
CA GLY C 163 -4.20 -17.12 -1.72
C GLY C 163 -3.64 -16.48 -0.47
N ASN C 164 -2.32 -16.52 -0.32
CA ASN C 164 -1.64 -15.91 0.81
C ASN C 164 -1.87 -14.39 0.84
N THR C 165 -1.81 -13.76 -0.33
CA THR C 165 -2.00 -12.32 -0.45
C THR C 165 -3.48 -11.91 -0.29
N MET C 166 -4.42 -12.77 -0.70
CA MET C 166 -5.84 -12.43 -0.55
C MET C 166 -6.21 -12.36 0.92
N ASP C 167 -5.40 -13.03 1.74
CA ASP C 167 -5.61 -13.02 3.18
C ASP C 167 -4.58 -12.10 3.84
N ARG C 168 -3.84 -11.36 3.01
CA ARG C 168 -2.77 -10.43 3.44
C ARG C 168 -1.76 -11.10 4.37
N GLY C 169 -1.22 -12.22 3.90
CA GLY C 169 -0.22 -12.97 4.64
C GLY C 169 1.14 -12.31 4.58
N VAL C 170 2.09 -12.87 5.33
CA VAL C 170 3.45 -12.34 5.44
C VAL C 170 4.59 -13.34 5.24
N GLY C 171 5.76 -12.81 4.87
CA GLY C 171 6.95 -13.61 4.64
C GLY C 171 8.11 -13.15 5.48
N TYR C 172 9.32 -13.63 5.15
CA TYR C 172 10.52 -13.31 5.94
C TYR C 172 11.70 -12.62 5.27
N THR C 173 11.51 -12.17 4.04
CA THR C 173 12.55 -11.48 3.24
C THR C 173 12.21 -9.95 3.27
N PRO C 174 13.03 -9.06 2.65
CA PRO C 174 12.65 -7.64 2.70
C PRO C 174 11.33 -7.31 2.00
N TYR C 175 10.87 -8.24 1.17
CA TYR C 175 9.60 -8.13 0.45
C TYR C 175 8.53 -8.91 1.20
N GLY C 176 8.77 -9.10 2.50
CA GLY C 176 7.91 -9.85 3.40
C GLY C 176 6.48 -9.39 3.61
N GLU C 177 6.21 -8.12 3.40
CA GLU C 177 4.85 -7.60 3.53
C GLU C 177 4.29 -7.79 2.14
N HIS C 178 3.68 -8.96 1.94
CA HIS C 178 3.17 -9.34 0.62
C HIS C 178 2.18 -8.45 -0.10
N PHE C 179 1.22 -7.89 0.62
CA PHE C 179 0.21 -7.01 0.02
C PHE C 179 0.83 -5.67 -0.40
N MET C 180 1.89 -5.27 0.29
CA MET C 180 2.60 -4.03 -0.01
C MET C 180 3.38 -4.19 -1.35
N MET C 181 3.75 -5.44 -1.67
CA MET C 181 4.48 -5.73 -2.89
C MET C 181 3.58 -6.19 -4.03
N GLN C 182 2.28 -6.28 -3.78
CA GLN C 182 1.30 -6.68 -4.79
C GLN C 182 1.11 -5.50 -5.78
N CYS C 183 1.01 -5.81 -7.06
CA CYS C 183 0.81 -4.79 -8.10
C CYS C 183 -0.02 -5.36 -9.22
N GLY C 184 -1.28 -4.96 -9.25
CA GLY C 184 -2.20 -5.40 -10.27
C GLY C 184 -2.89 -6.71 -9.99
N MET C 185 -4.21 -6.72 -10.15
CA MET C 185 -5.01 -7.92 -9.99
C MET C 185 -6.23 -7.86 -10.87
N GLU C 186 -6.71 -9.03 -11.24
CA GLU C 186 -7.88 -9.19 -12.08
C GLU C 186 -8.91 -9.94 -11.24
N VAL C 187 -10.12 -9.42 -11.20
CA VAL C 187 -11.18 -10.06 -10.45
C VAL C 187 -12.43 -10.16 -11.30
N VAL C 188 -13.18 -11.26 -11.15
CA VAL C 188 -14.44 -11.32 -11.86
C VAL C 188 -15.50 -10.99 -10.80
N LEU C 189 -16.31 -10.00 -11.12
CA LEU C 189 -17.36 -9.55 -10.21
C LEU C 189 -18.55 -10.49 -10.26
N ALA C 190 -19.47 -10.31 -9.30
CA ALA C 190 -20.68 -11.15 -9.22
C ALA C 190 -21.56 -11.12 -10.47
N ASN C 191 -21.53 -9.99 -11.19
CA ASN C 191 -22.30 -9.80 -12.44
C ASN C 191 -21.58 -10.32 -13.69
N GLY C 192 -20.49 -11.05 -13.48
CA GLY C 192 -19.74 -11.63 -14.58
C GLY C 192 -18.66 -10.76 -15.19
N ASP C 193 -18.63 -9.48 -14.83
CA ASP C 193 -17.62 -8.53 -15.36
C ASP C 193 -16.20 -8.77 -14.87
N VAL C 194 -15.24 -8.61 -15.78
CA VAL C 194 -13.84 -8.80 -15.45
C VAL C 194 -13.20 -7.41 -15.24
N TYR C 195 -12.88 -7.13 -13.98
CA TYR C 195 -12.25 -5.88 -13.56
C TYR C 195 -10.77 -6.07 -13.30
N ARG C 196 -9.97 -5.15 -13.81
CA ARG C 196 -8.53 -5.15 -13.61
C ARG C 196 -8.18 -3.84 -12.90
N THR C 197 -7.44 -3.96 -11.80
CA THR C 197 -7.01 -2.82 -10.98
C THR C 197 -5.85 -2.07 -11.63
N GLY C 198 -5.50 -0.92 -11.06
CA GLY C 198 -4.38 -0.12 -11.52
C GLY C 198 -4.30 0.24 -12.99
N MET C 199 -3.25 -0.26 -13.66
CA MET C 199 -3.07 0.03 -15.07
C MET C 199 -3.65 -1.02 -16.04
N GLY C 200 -4.20 -2.10 -15.51
CA GLY C 200 -4.73 -3.17 -16.34
C GLY C 200 -5.90 -2.91 -17.27
N GLY C 201 -6.67 -1.86 -16.97
CA GLY C 201 -7.82 -1.52 -17.79
C GLY C 201 -7.48 -0.77 -19.06
N VAL C 202 -6.24 -0.26 -19.14
CA VAL C 202 -5.74 0.51 -20.28
C VAL C 202 -5.27 -0.41 -21.40
N PRO C 203 -5.92 -0.33 -22.60
CA PRO C 203 -5.55 -1.17 -23.76
C PRO C 203 -4.13 -0.94 -24.23
N GLY C 204 -3.38 -2.04 -24.34
CA GLY C 204 -2.01 -1.95 -24.82
C GLY C 204 -0.95 -1.48 -23.84
N SER C 205 -1.30 -1.49 -22.56
CA SER C 205 -0.36 -1.09 -21.52
C SER C 205 0.55 -2.23 -21.10
N ASN C 206 1.75 -1.87 -20.65
CA ASN C 206 2.72 -2.83 -20.16
C ASN C 206 3.09 -2.41 -18.74
N THR C 207 2.22 -1.63 -18.11
CA THR C 207 2.44 -1.12 -16.75
C THR C 207 1.66 -1.68 -15.55
N TRP C 208 0.85 -2.71 -15.77
CA TRP C 208 0.02 -3.36 -14.74
C TRP C 208 0.77 -3.83 -13.48
N GLN C 209 1.97 -4.35 -13.70
CA GLN C 209 2.80 -4.83 -12.61
C GLN C 209 3.94 -3.85 -12.35
N ILE C 210 3.76 -2.60 -12.81
CA ILE C 210 4.79 -1.56 -12.67
C ILE C 210 4.33 -0.41 -11.75
N PHE C 211 3.13 0.09 -11.97
CA PHE C 211 2.56 1.19 -11.18
C PHE C 211 1.27 0.69 -10.49
N LYS C 212 1.31 0.69 -9.16
CA LYS C 212 0.23 0.20 -8.31
C LYS C 212 -1.15 0.80 -8.39
N TRP C 213 -1.20 2.11 -8.21
CA TRP C 213 -2.44 2.84 -8.11
C TRP C 213 -3.37 3.03 -9.29
N GLY C 214 -2.79 3.46 -10.41
CA GLY C 214 -3.57 3.75 -11.57
C GLY C 214 -4.17 5.14 -11.36
N TYR C 215 -5.44 5.27 -11.71
CA TYR C 215 -6.15 6.53 -11.62
C TYR C 215 -7.50 6.27 -11.01
N GLY C 216 -8.00 7.25 -10.25
CA GLY C 216 -9.29 7.12 -9.61
C GLY C 216 -9.12 6.30 -8.35
N PRO C 217 -10.19 5.78 -7.73
CA PRO C 217 -10.00 4.98 -6.52
C PRO C 217 -9.20 3.72 -6.85
N THR C 218 -8.25 3.38 -5.97
CA THR C 218 -7.41 2.20 -6.16
C THR C 218 -8.02 1.13 -5.26
N LEU C 219 -8.60 0.11 -5.90
CA LEU C 219 -9.36 -0.94 -5.22
C LEU C 219 -8.78 -2.32 -4.89
N ASP C 220 -7.48 -2.54 -5.04
CA ASP C 220 -6.86 -3.84 -4.70
C ASP C 220 -7.18 -4.27 -3.26
N GLY C 221 -7.10 -3.30 -2.35
CA GLY C 221 -7.36 -3.53 -0.95
C GLY C 221 -8.78 -3.92 -0.60
N MET C 222 -9.71 -3.43 -1.42
CA MET C 222 -11.14 -3.69 -1.26
C MET C 222 -11.43 -5.16 -1.44
N PHE C 223 -10.62 -5.84 -2.25
CA PHE C 223 -10.79 -7.26 -2.52
C PHE C 223 -10.12 -8.20 -1.55
N THR C 224 -9.01 -7.76 -0.95
CA THR C 224 -8.28 -8.58 0.02
C THR C 224 -9.08 -8.66 1.32
N GLN C 225 -9.17 -9.88 1.85
CA GLN C 225 -9.90 -10.22 3.07
C GLN C 225 -11.37 -9.86 2.97
N ALA C 226 -11.87 -9.90 1.74
CA ALA C 226 -13.25 -9.56 1.44
C ALA C 226 -13.91 -10.57 0.47
N ASN C 227 -15.19 -10.35 0.20
CA ASN C 227 -15.96 -11.22 -0.68
C ASN C 227 -16.69 -10.42 -1.77
N TYR C 228 -15.95 -9.54 -2.45
CA TYR C 228 -16.53 -8.69 -3.51
C TYR C 228 -16.06 -9.07 -4.92
N GLY C 229 -15.33 -10.16 -5.04
CA GLY C 229 -14.83 -10.59 -6.32
C GLY C 229 -14.02 -11.85 -6.15
N ILE C 230 -13.77 -12.53 -7.25
CA ILE C 230 -12.99 -13.77 -7.30
C ILE C 230 -11.72 -13.40 -8.06
N CYS C 231 -10.57 -13.47 -7.40
CA CYS C 231 -9.31 -13.13 -8.05
C CYS C 231 -8.87 -14.22 -9.00
N THR C 232 -8.70 -13.85 -10.28
CA THR C 232 -8.29 -14.78 -11.34
C THR C 232 -6.86 -14.60 -11.83
N LYS C 233 -6.25 -13.45 -11.57
CA LYS C 233 -4.85 -13.15 -11.92
C LYS C 233 -4.32 -12.18 -10.89
N MET C 234 -3.03 -12.29 -10.57
CA MET C 234 -2.42 -11.38 -9.62
C MET C 234 -0.94 -11.16 -9.90
N GLY C 235 -0.54 -9.90 -9.86
CA GLY C 235 0.83 -9.56 -10.07
C GLY C 235 1.49 -9.04 -8.81
N PHE C 236 2.79 -9.26 -8.69
CA PHE C 236 3.55 -8.81 -7.54
C PHE C 236 5.03 -8.61 -7.86
N TRP C 237 5.70 -7.86 -7.01
CA TRP C 237 7.11 -7.56 -7.18
C TRP C 237 8.00 -8.63 -6.55
N LEU C 238 9.13 -8.89 -7.19
CA LEU C 238 10.11 -9.88 -6.73
C LEU C 238 11.41 -9.16 -6.41
N MET C 239 12.06 -9.57 -5.33
CA MET C 239 13.32 -8.96 -4.92
C MET C 239 14.46 -9.45 -5.80
N PRO C 240 15.31 -8.52 -6.30
CA PRO C 240 16.43 -9.00 -7.13
C PRO C 240 17.38 -9.77 -6.19
N LYS C 241 17.92 -10.89 -6.66
CA LYS C 241 18.82 -11.72 -5.87
C LYS C 241 20.07 -10.92 -5.54
N PRO C 242 20.37 -10.72 -4.24
CA PRO C 242 21.57 -9.97 -3.85
C PRO C 242 22.82 -10.85 -3.98
N PRO C 243 24.01 -10.23 -4.22
CA PRO C 243 25.20 -11.07 -4.34
C PRO C 243 25.65 -11.74 -3.04
N VAL C 244 25.31 -11.13 -1.90
CA VAL C 244 25.63 -11.65 -0.56
C VAL C 244 24.41 -11.67 0.36
N PHE C 245 24.22 -12.79 1.03
CA PHE C 245 23.14 -13.03 1.99
C PHE C 245 23.83 -13.44 3.30
N LYS C 246 23.49 -12.77 4.39
CA LYS C 246 24.09 -13.06 5.68
C LYS C 246 23.08 -13.26 6.80
N PRO C 247 22.68 -14.52 7.07
CA PRO C 247 21.72 -14.78 8.15
C PRO C 247 22.43 -14.90 9.49
N PHE C 248 21.74 -14.53 10.55
CA PHE C 248 22.30 -14.63 11.88
C PHE C 248 21.21 -14.89 12.90
N GLU C 249 21.63 -15.35 14.08
CA GLU C 249 20.72 -15.62 15.18
C GLU C 249 21.32 -15.07 16.44
N VAL C 250 20.46 -14.60 17.35
CA VAL C 250 20.88 -14.07 18.64
C VAL C 250 20.03 -14.78 19.69
N ILE C 251 20.68 -15.64 20.49
CA ILE C 251 20.02 -16.41 21.55
C ILE C 251 20.05 -15.67 22.89
N PHE C 252 18.89 -15.61 23.57
CA PHE C 252 18.73 -14.93 24.87
C PHE C 252 18.23 -15.87 25.97
N GLU C 253 18.99 -15.93 27.07
CA GLU C 253 18.70 -16.81 28.21
C GLU C 253 17.47 -16.52 29.09
N ASP C 254 17.29 -15.25 29.44
CA ASP C 254 16.19 -14.82 30.32
C ASP C 254 14.97 -14.27 29.56
N GLU C 255 13.78 -14.62 30.04
CA GLU C 255 12.49 -14.23 29.46
C GLU C 255 12.19 -12.73 29.50
N ALA C 256 12.77 -12.03 30.47
CA ALA C 256 12.57 -10.59 30.65
C ALA C 256 13.38 -9.74 29.67
N ASP C 257 14.28 -10.39 28.94
CA ASP C 257 15.14 -9.73 27.95
C ASP C 257 14.42 -9.14 26.75
N ILE C 258 13.21 -9.62 26.48
CA ILE C 258 12.38 -9.19 25.35
C ILE C 258 12.11 -7.67 25.30
N VAL C 259 12.01 -7.06 26.48
CA VAL C 259 11.75 -5.62 26.63
C VAL C 259 12.90 -4.76 26.09
N GLU C 260 14.14 -5.17 26.35
CA GLU C 260 15.32 -4.44 25.88
C GLU C 260 15.72 -4.73 24.44
N ILE C 261 15.42 -5.95 23.97
CA ILE C 261 15.73 -6.40 22.59
C ILE C 261 14.95 -5.58 21.56
N VAL C 262 13.61 -5.57 21.70
CA VAL C 262 12.71 -4.86 20.80
C VAL C 262 13.04 -3.37 20.69
N ASP C 263 13.25 -2.70 21.83
CA ASP C 263 13.57 -1.27 21.85
C ASP C 263 14.93 -0.93 21.24
N ALA C 264 15.83 -1.91 21.24
CA ALA C 264 17.16 -1.75 20.67
C ALA C 264 17.16 -2.07 19.17
N LEU C 265 16.26 -2.95 18.76
CA LEU C 265 16.13 -3.37 17.37
C LEU C 265 15.30 -2.47 16.47
N ARG C 266 14.34 -1.77 17.06
CA ARG C 266 13.44 -0.86 16.35
C ARG C 266 14.16 0.18 15.46
N PRO C 267 15.16 0.96 15.99
CA PRO C 267 15.81 1.92 15.07
C PRO C 267 16.61 1.30 13.92
N LEU C 268 17.11 0.08 14.12
CA LEU C 268 17.85 -0.63 13.07
C LEU C 268 16.89 -1.13 12.01
N ARG C 269 15.67 -1.45 12.43
CA ARG C 269 14.63 -1.96 11.57
C ARG C 269 13.94 -0.79 10.84
N MET C 270 13.86 0.35 11.49
CA MET C 270 13.22 1.54 10.92
C MET C 270 14.08 2.28 9.90
N SER C 271 15.40 2.16 10.07
CA SER C 271 16.39 2.79 9.20
C SER C 271 16.81 1.86 8.06
N ASN C 272 16.21 0.67 8.04
CA ASN C 272 16.46 -0.36 7.04
C ASN C 272 17.87 -1.01 7.06
N THR C 273 18.54 -0.97 8.22
CA THR C 273 19.88 -1.57 8.44
C THR C 273 19.65 -3.09 8.49
N ILE C 274 18.55 -3.49 9.12
CA ILE C 274 18.10 -4.89 9.12
C ILE C 274 16.82 -4.70 8.25
N PRO C 275 16.91 -5.07 6.95
CA PRO C 275 15.80 -4.93 6.01
C PRO C 275 14.63 -5.92 6.07
N ASN C 276 14.87 -7.10 6.63
CA ASN C 276 13.81 -8.10 6.72
C ASN C 276 13.17 -8.03 8.10
N SER C 277 12.00 -8.63 8.22
CA SER C 277 11.29 -8.63 9.50
C SER C 277 12.00 -9.56 10.50
N VAL C 278 12.37 -8.98 11.63
CA VAL C 278 13.04 -9.69 12.71
C VAL C 278 12.04 -10.55 13.51
N VAL C 279 12.27 -11.86 13.47
CA VAL C 279 11.45 -12.84 14.18
C VAL C 279 12.12 -13.21 15.49
N ILE C 280 11.42 -12.98 16.60
CA ILE C 280 11.93 -13.32 17.92
C ILE C 280 11.05 -14.44 18.44
N ALA C 281 11.56 -15.66 18.38
CA ALA C 281 10.82 -16.86 18.78
C ALA C 281 10.98 -17.36 20.21
N SER C 282 9.85 -17.75 20.84
CA SER C 282 9.87 -18.29 22.21
C SER C 282 10.44 -19.70 22.23
N THR C 283 10.73 -20.22 23.43
CA THR C 283 11.33 -21.55 23.59
C THR C 283 10.49 -22.66 22.96
N LEU C 284 9.19 -22.65 23.22
CA LEU C 284 8.30 -23.69 22.70
C LEU C 284 8.12 -23.65 21.20
N TRP C 285 8.21 -22.45 20.60
CA TRP C 285 8.10 -22.29 19.15
C TRP C 285 9.38 -22.88 18.59
N GLU C 286 10.50 -22.45 19.17
CA GLU C 286 11.82 -22.91 18.78
C GLU C 286 11.94 -24.44 18.87
N ALA C 287 11.34 -25.00 19.92
CA ALA C 287 11.35 -26.45 20.19
C ALA C 287 10.53 -27.27 19.20
N GLY C 288 9.33 -26.79 18.90
CA GLY C 288 8.45 -27.47 17.98
C GLY C 288 8.99 -27.47 16.57
N SER C 289 9.73 -26.41 16.25
CA SER C 289 10.33 -26.25 14.92
C SER C 289 11.62 -27.06 14.79
N ALA C 290 12.20 -27.45 15.94
CA ALA C 290 13.42 -28.27 16.00
C ALA C 290 13.02 -29.74 16.18
N HIS C 291 11.70 -29.95 16.13
CA HIS C 291 11.01 -31.25 16.23
C HIS C 291 11.02 -32.04 17.54
N LEU C 292 10.89 -31.30 18.65
CA LEU C 292 10.83 -31.89 19.98
C LEU C 292 9.34 -31.91 20.33
N THR C 293 8.89 -32.99 20.99
CA THR C 293 7.49 -33.10 21.38
C THR C 293 7.38 -32.88 22.89
N ARG C 294 6.17 -32.62 23.38
CA ARG C 294 5.94 -32.41 24.81
C ARG C 294 6.08 -33.73 25.56
N ALA C 295 5.60 -34.80 24.93
CA ALA C 295 5.59 -36.17 25.46
C ALA C 295 6.96 -36.77 25.77
N GLN C 296 8.02 -36.15 25.24
CA GLN C 296 9.37 -36.66 25.50
C GLN C 296 10.03 -35.87 26.64
N TYR C 297 9.24 -35.05 27.33
CA TYR C 297 9.71 -34.23 28.45
C TYR C 297 8.82 -34.34 29.70
N THR C 298 7.51 -34.50 29.48
CA THR C 298 6.52 -34.62 30.55
C THR C 298 5.21 -35.14 29.98
N THR C 299 4.48 -35.92 30.77
CA THR C 299 3.20 -36.51 30.38
C THR C 299 2.08 -36.02 31.31
N GLU C 300 2.43 -35.08 32.17
CA GLU C 300 1.56 -34.44 33.16
C GLU C 300 0.47 -33.61 32.43
N PRO C 301 -0.77 -33.55 32.99
CA PRO C 301 -1.83 -32.75 32.32
C PRO C 301 -1.60 -31.24 32.41
N GLY C 302 -2.35 -30.47 31.61
CA GLY C 302 -2.21 -29.03 31.62
C GLY C 302 -1.02 -28.53 30.82
N HIS C 303 -0.62 -27.28 31.05
CA HIS C 303 0.51 -26.67 30.36
C HIS C 303 1.85 -27.30 30.71
N THR C 304 2.90 -26.86 30.02
CA THR C 304 4.27 -27.33 30.25
C THR C 304 4.82 -26.37 31.30
N PRO C 305 5.17 -26.89 32.51
CA PRO C 305 5.72 -26.04 33.58
C PRO C 305 7.07 -25.38 33.27
N ASP C 306 7.32 -24.24 33.93
CA ASP C 306 8.56 -23.46 33.79
C ASP C 306 9.83 -24.26 34.01
N SER C 307 9.70 -25.31 34.84
CA SER C 307 10.77 -26.23 35.22
C SER C 307 11.31 -27.03 34.04
N VAL C 308 10.39 -27.61 33.26
CA VAL C 308 10.72 -28.40 32.07
C VAL C 308 11.16 -27.51 30.90
N ILE C 309 10.66 -26.27 30.83
CA ILE C 309 11.06 -25.31 29.78
C ILE C 309 12.53 -24.94 30.04
N LYS C 310 12.87 -24.78 31.33
CA LYS C 310 14.23 -24.45 31.79
C LYS C 310 15.18 -25.62 31.48
N GLN C 311 14.67 -26.85 31.59
CA GLN C 311 15.43 -28.06 31.30
C GLN C 311 15.63 -28.22 29.78
N MET C 312 14.62 -27.84 28.99
CA MET C 312 14.68 -27.91 27.53
C MET C 312 15.77 -26.95 27.02
N GLN C 313 15.88 -25.81 27.71
CA GLN C 313 16.87 -24.78 27.40
C GLN C 313 18.29 -25.28 27.67
N LYS C 314 18.46 -26.03 28.76
CA LYS C 314 19.73 -26.60 29.19
C LYS C 314 20.21 -27.69 28.21
N ASP C 315 19.33 -28.64 27.89
CA ASP C 315 19.63 -29.77 26.99
C ASP C 315 19.99 -29.42 25.54
N THR C 316 19.28 -28.44 24.97
CA THR C 316 19.46 -28.03 23.57
C THR C 316 20.32 -26.81 23.33
N GLY C 317 20.33 -25.88 24.28
CA GLY C 317 21.10 -24.66 24.13
C GLY C 317 20.29 -23.51 23.58
N MET C 318 18.98 -23.73 23.43
CA MET C 318 18.01 -22.75 22.94
C MET C 318 17.70 -21.80 24.08
N GLY C 319 17.43 -20.53 23.77
CA GLY C 319 17.12 -19.57 24.81
C GLY C 319 15.64 -19.36 25.07
N ALA C 320 15.35 -18.34 25.88
CA ALA C 320 13.98 -17.98 26.22
C ALA C 320 13.36 -17.29 25.03
N TRP C 321 14.21 -16.53 24.33
CA TRP C 321 13.87 -15.81 23.11
C TRP C 321 15.00 -16.02 22.13
N ASN C 322 14.65 -16.42 20.92
CA ASN C 322 15.62 -16.67 19.86
C ASN C 322 15.32 -15.79 18.66
N LEU C 323 16.16 -14.79 18.41
CA LEU C 323 15.96 -13.90 17.27
C LEU C 323 16.71 -14.25 16.02
N TYR C 324 16.01 -14.17 14.90
CA TYR C 324 16.55 -14.47 13.58
C TYR C 324 16.30 -13.28 12.68
N ALA C 325 17.33 -12.91 11.94
CA ALA C 325 17.27 -11.80 11.00
C ALA C 325 18.30 -12.07 9.92
N ALA C 326 18.35 -11.19 8.92
CA ALA C 326 19.29 -11.37 7.81
C ALA C 326 19.78 -10.05 7.25
N LEU C 327 20.91 -10.12 6.54
CA LEU C 327 21.56 -8.97 5.91
C LEU C 327 21.72 -9.26 4.42
N TYR C 328 21.37 -8.29 3.56
CA TYR C 328 21.43 -8.44 2.09
C TYR C 328 22.13 -7.24 1.44
N GLY C 329 22.74 -7.51 0.29
CA GLY C 329 23.45 -6.48 -0.46
C GLY C 329 24.79 -6.99 -0.97
N THR C 330 25.71 -6.05 -1.21
CA THR C 330 27.07 -6.38 -1.67
C THR C 330 27.87 -6.65 -0.41
N GLN C 331 29.00 -7.35 -0.57
CA GLN C 331 29.87 -7.70 0.56
C GLN C 331 30.24 -6.49 1.42
N GLU C 332 30.50 -5.39 0.74
CA GLU C 332 30.89 -4.16 1.41
C GLU C 332 29.78 -3.54 2.24
N GLN C 333 28.53 -3.56 1.74
CA GLN C 333 27.42 -2.98 2.51
C GLN C 333 26.95 -3.91 3.61
N VAL C 334 27.18 -5.21 3.42
CA VAL C 334 26.84 -6.23 4.41
C VAL C 334 27.82 -6.12 5.58
N ASP C 335 29.12 -5.98 5.28
CA ASP C 335 30.17 -5.85 6.30
C ASP C 335 29.97 -4.62 7.17
N VAL C 336 29.47 -3.56 6.54
CA VAL C 336 29.22 -2.29 7.25
C VAL C 336 27.98 -2.42 8.16
N ASN C 337 26.91 -3.01 7.62
CA ASN C 337 25.68 -3.22 8.40
C ASN C 337 25.92 -4.25 9.49
N TRP C 338 26.87 -5.17 9.24
CA TRP C 338 27.23 -6.17 10.24
C TRP C 338 27.87 -5.52 11.46
N LYS C 339 28.75 -4.55 11.22
CA LYS C 339 29.43 -3.80 12.29
C LYS C 339 28.40 -3.01 13.14
N ILE C 340 27.39 -2.42 12.48
CA ILE C 340 26.33 -1.65 13.18
C ILE C 340 25.45 -2.56 14.04
N VAL C 341 25.08 -3.73 13.51
CA VAL C 341 24.25 -4.71 14.23
C VAL C 341 25.01 -5.31 15.43
N THR C 342 26.29 -5.63 15.21
CA THR C 342 27.20 -6.21 16.21
C THR C 342 27.39 -5.28 17.41
N ASP C 343 27.67 -4.00 17.14
CA ASP C 343 27.90 -3.00 18.19
C ASP C 343 26.67 -2.72 19.06
N VAL C 344 25.48 -2.94 18.51
CA VAL C 344 24.23 -2.73 19.25
C VAL C 344 24.04 -3.85 20.26
N PHE C 345 24.38 -5.08 19.86
CA PHE C 345 24.26 -6.25 20.76
C PHE C 345 25.35 -6.30 21.83
N LYS C 346 26.51 -5.72 21.53
CA LYS C 346 27.64 -5.64 22.44
C LYS C 346 27.33 -4.58 23.53
N LYS C 347 26.79 -3.43 23.11
CA LYS C 347 26.42 -2.33 24.02
C LYS C 347 25.30 -2.71 24.98
N LEU C 348 24.52 -3.71 24.59
CA LEU C 348 23.40 -4.22 25.38
C LEU C 348 23.89 -5.22 26.42
N GLY C 349 25.03 -5.85 26.12
CA GLY C 349 25.66 -6.82 27.00
C GLY C 349 24.91 -8.12 27.19
N LYS C 350 23.95 -8.38 26.31
CA LYS C 350 23.11 -9.59 26.35
C LYS C 350 23.09 -10.31 25.01
N GLY C 351 22.85 -11.62 25.09
CA GLY C 351 22.75 -12.47 23.91
C GLY C 351 24.01 -12.81 23.16
N ARG C 352 24.05 -14.04 22.66
CA ARG C 352 25.19 -14.50 21.88
C ARG C 352 24.84 -14.64 20.40
N ILE C 353 25.74 -14.14 19.56
CA ILE C 353 25.59 -14.17 18.12
C ILE C 353 26.01 -15.54 17.60
N VAL C 354 25.15 -16.10 16.76
CA VAL C 354 25.34 -17.40 16.13
C VAL C 354 25.31 -17.11 14.64
N THR C 355 26.41 -17.41 13.96
CA THR C 355 26.53 -17.19 12.52
C THR C 355 26.29 -18.46 11.70
N GLN C 356 26.34 -18.34 10.36
CA GLN C 356 26.14 -19.44 9.42
C GLN C 356 27.31 -20.43 9.49
N GLU C 357 28.42 -19.94 10.04
CA GLU C 357 29.67 -20.69 10.25
C GLU C 357 29.51 -21.67 11.42
N GLU C 358 28.96 -21.17 12.53
CA GLU C 358 28.75 -21.94 13.76
C GLU C 358 27.62 -22.96 13.73
N ALA C 359 26.42 -22.53 13.36
CA ALA C 359 25.25 -23.40 13.30
C ALA C 359 24.98 -23.89 11.89
N GLY C 360 26.04 -24.34 11.23
CA GLY C 360 26.02 -24.84 9.85
C GLY C 360 24.76 -25.47 9.27
N ASP C 361 24.67 -26.79 9.40
CA ASP C 361 23.51 -27.53 8.89
C ASP C 361 22.56 -27.93 10.03
N THR C 362 22.62 -27.17 11.12
CA THR C 362 21.79 -27.41 12.30
C THR C 362 20.42 -26.75 12.19
N GLN C 363 19.41 -27.41 12.75
CA GLN C 363 18.06 -26.91 12.80
C GLN C 363 17.90 -26.37 14.23
N PRO C 364 17.09 -25.31 14.45
CA PRO C 364 16.26 -24.50 13.54
C PRO C 364 16.89 -23.39 12.66
N PHE C 365 18.21 -23.13 12.81
CA PHE C 365 18.92 -22.10 12.01
C PHE C 365 18.76 -22.32 10.50
N LYS C 366 18.98 -23.54 10.04
CA LYS C 366 18.90 -23.91 8.62
C LYS C 366 17.56 -23.57 7.95
N TYR C 367 16.43 -23.85 8.60
CA TYR C 367 15.14 -23.56 7.98
C TYR C 367 14.82 -22.06 7.91
N ARG C 368 15.21 -21.35 8.96
CA ARG C 368 14.98 -19.91 9.04
C ARG C 368 15.83 -19.19 8.02
N ALA C 369 17.07 -19.67 7.82
CA ALA C 369 17.99 -19.10 6.84
C ALA C 369 17.45 -19.32 5.45
N GLN C 370 16.77 -20.45 5.26
CA GLN C 370 16.17 -20.78 3.98
C GLN C 370 14.94 -19.93 3.70
N LEU C 371 14.14 -19.72 4.75
CA LEU C 371 12.91 -18.90 4.66
C LEU C 371 13.24 -17.44 4.36
N MET C 372 14.37 -16.99 4.93
CA MET C 372 14.86 -15.63 4.74
C MET C 372 15.54 -15.39 3.38
N SER C 373 15.80 -16.46 2.62
CA SER C 373 16.41 -16.35 1.30
C SER C 373 15.55 -16.97 0.22
N GLY C 374 14.28 -17.18 0.52
CA GLY C 374 13.36 -17.73 -0.46
C GLY C 374 13.46 -19.16 -0.96
N VAL C 375 14.13 -20.04 -0.21
CA VAL C 375 14.21 -21.44 -0.59
C VAL C 375 13.20 -22.21 0.29
N PRO C 376 12.25 -22.95 -0.33
CA PRO C 376 11.24 -23.71 0.42
C PRO C 376 11.61 -24.93 1.25
N ASN C 377 10.91 -25.05 2.38
CA ASN C 377 11.04 -26.15 3.35
C ASN C 377 9.82 -26.09 4.26
N LEU C 378 9.34 -27.25 4.73
CA LEU C 378 8.19 -27.32 5.62
C LEU C 378 8.52 -27.71 7.05
N GLN C 379 9.75 -27.42 7.47
CA GLN C 379 10.24 -27.73 8.82
C GLN C 379 9.36 -27.26 9.99
N GLU C 380 8.89 -26.02 9.90
CA GLU C 380 8.05 -25.41 10.94
C GLU C 380 6.72 -26.12 11.16
N PHE C 381 6.43 -27.14 10.35
CA PHE C 381 5.22 -27.93 10.53
C PHE C 381 5.33 -28.85 11.76
N GLY C 382 6.53 -28.88 12.34
CA GLY C 382 6.79 -29.65 13.54
C GLY C 382 5.99 -29.11 14.72
N LEU C 383 5.58 -27.84 14.62
CA LEU C 383 4.76 -27.17 15.63
C LEU C 383 3.45 -27.94 15.85
N TYR C 384 3.03 -28.71 14.85
CA TYR C 384 1.79 -29.49 14.96
C TYR C 384 2.08 -30.85 15.61
N ASN C 385 3.36 -31.12 15.84
CA ASN C 385 3.80 -32.36 16.46
C ASN C 385 4.10 -32.15 17.92
N TRP C 386 4.06 -30.90 18.39
CA TRP C 386 4.32 -30.55 19.79
C TRP C 386 3.35 -31.25 20.73
N ARG C 387 2.08 -31.25 20.37
CA ARG C 387 1.06 -31.94 21.15
C ARG C 387 0.34 -32.92 20.25
N GLY C 388 0.44 -32.71 18.93
CA GLY C 388 -0.20 -33.58 17.95
C GLY C 388 -1.71 -33.47 17.93
N GLY C 389 -2.37 -34.36 17.20
CA GLY C 389 -3.82 -34.36 17.17
C GLY C 389 -4.47 -33.49 16.13
N GLY C 390 -3.67 -32.62 15.50
CA GLY C 390 -4.19 -31.76 14.45
C GLY C 390 -5.07 -30.61 14.84
N GLY C 391 -4.76 -30.03 15.99
CA GLY C 391 -5.52 -28.91 16.46
C GLY C 391 -4.58 -27.73 16.51
N SER C 392 -4.95 -26.66 15.80
CA SER C 392 -4.14 -25.46 15.73
C SER C 392 -4.98 -24.30 15.22
N MET C 393 -4.86 -23.18 15.92
CA MET C 393 -5.54 -21.93 15.58
C MET C 393 -4.55 -20.80 15.79
N TRP C 394 -4.53 -19.85 14.88
CA TRP C 394 -3.64 -18.74 15.03
C TRP C 394 -4.36 -17.60 15.70
N PHE C 395 -3.72 -17.09 16.76
CA PHE C 395 -4.21 -15.92 17.48
C PHE C 395 -3.06 -14.92 17.31
N ALA C 396 -3.30 -13.86 16.54
CA ALA C 396 -2.28 -12.88 16.31
C ALA C 396 -2.64 -11.39 16.34
N PRO C 397 -2.52 -10.75 17.51
CA PRO C 397 -2.82 -9.33 17.66
C PRO C 397 -1.64 -8.48 17.19
N VAL C 398 -1.87 -7.19 17.04
CA VAL C 398 -0.82 -6.28 16.58
C VAL C 398 -0.57 -5.19 17.60
N SER C 399 0.70 -4.81 17.76
CA SER C 399 1.05 -3.73 18.69
C SER C 399 2.16 -2.89 18.12
N GLU C 400 2.50 -1.82 18.82
CA GLU C 400 3.63 -0.94 18.46
C GLU C 400 4.87 -1.79 18.69
N ALA C 401 5.94 -1.55 17.94
CA ALA C 401 7.20 -2.28 18.13
C ALA C 401 7.95 -1.66 19.31
N ARG C 402 7.31 -1.76 20.47
CA ARG C 402 7.78 -1.24 21.75
C ARG C 402 7.96 -2.42 22.69
N GLY C 403 9.12 -2.50 23.36
CA GLY C 403 9.41 -3.58 24.30
C GLY C 403 8.47 -3.81 25.47
N SER C 404 7.83 -2.72 25.95
CA SER C 404 6.91 -2.80 27.07
C SER C 404 5.63 -3.53 26.67
N GLU C 405 5.39 -3.57 25.35
CA GLU C 405 4.22 -4.23 24.78
C GLU C 405 4.36 -5.76 24.74
N CYS C 406 5.60 -6.23 24.69
CA CYS C 406 5.92 -7.65 24.69
C CYS C 406 5.58 -8.28 26.02
N LYS C 407 6.07 -7.65 27.10
CA LYS C 407 5.84 -8.09 28.48
C LYS C 407 4.35 -8.08 28.81
N LYS C 408 3.64 -7.05 28.34
CA LYS C 408 2.21 -6.86 28.61
C LYS C 408 1.36 -7.95 27.97
N GLN C 409 1.53 -8.11 26.65
CA GLN C 409 0.77 -9.10 25.90
C GLN C 409 1.11 -10.55 26.22
N ALA C 410 2.39 -10.83 26.49
CA ALA C 410 2.86 -12.19 26.85
C ALA C 410 2.20 -12.70 28.13
N ALA C 411 2.21 -11.85 29.17
CA ALA C 411 1.61 -12.19 30.46
C ALA C 411 0.10 -12.40 30.32
N MET C 412 -0.52 -11.59 29.47
CA MET C 412 -1.96 -11.70 29.21
C MET C 412 -2.33 -13.01 28.50
N ALA C 413 -1.52 -13.35 27.51
CA ALA C 413 -1.71 -14.55 26.71
C ALA C 413 -1.42 -15.79 27.54
N LYS C 414 -0.26 -15.80 28.19
CA LYS C 414 0.22 -16.92 29.02
C LYS C 414 -0.79 -17.28 30.12
N ARG C 415 -1.39 -16.26 30.72
CA ARG C 415 -2.36 -16.41 31.80
C ARG C 415 -3.64 -17.12 31.32
N VAL C 416 -4.12 -16.73 30.14
CA VAL C 416 -5.33 -17.31 29.56
C VAL C 416 -5.07 -18.71 28.98
N LEU C 417 -3.87 -18.93 28.46
CA LEU C 417 -3.52 -20.22 27.87
C LEU C 417 -3.38 -21.28 28.96
N HIS C 418 -2.69 -20.91 30.03
CA HIS C 418 -2.47 -21.83 31.15
C HIS C 418 -3.74 -22.22 31.88
N LYS C 419 -4.69 -21.29 31.92
CA LYS C 419 -5.99 -21.49 32.53
C LYS C 419 -6.73 -22.68 31.90
N TYR C 420 -6.50 -22.90 30.60
CA TYR C 420 -7.15 -23.99 29.86
C TYR C 420 -6.24 -25.17 29.55
N GLY C 421 -5.05 -25.14 30.14
CA GLY C 421 -4.11 -26.22 29.97
C GLY C 421 -3.31 -26.22 28.70
N LEU C 422 -3.28 -25.07 28.03
CA LEU C 422 -2.55 -24.91 26.78
C LEU C 422 -1.27 -24.12 26.96
N ASP C 423 -0.33 -24.32 26.04
CA ASP C 423 0.97 -23.67 26.08
C ASP C 423 1.07 -22.30 25.38
N TYR C 424 2.13 -21.58 25.73
CA TYR C 424 2.40 -20.28 25.14
C TYR C 424 3.51 -20.52 24.11
N VAL C 425 3.05 -20.83 22.90
CA VAL C 425 3.91 -21.09 21.76
C VAL C 425 3.71 -19.86 20.89
N ALA C 426 4.69 -18.96 20.94
CA ALA C 426 4.62 -17.71 20.21
C ALA C 426 5.92 -17.12 19.71
N GLU C 427 5.78 -16.21 18.74
CA GLU C 427 6.89 -15.44 18.18
C GLU C 427 6.43 -14.03 17.84
N PHE C 428 7.35 -13.10 18.02
CA PHE C 428 7.13 -11.69 17.69
C PHE C 428 7.82 -11.46 16.38
N ILE C 429 7.12 -10.88 15.42
CA ILE C 429 7.69 -10.55 14.12
C ILE C 429 7.78 -9.03 14.11
N VAL C 430 8.98 -8.47 14.35
CA VAL C 430 9.15 -7.02 14.37
C VAL C 430 9.42 -6.39 12.99
N ALA C 431 8.48 -5.55 12.58
CA ALA C 431 8.48 -4.79 11.33
C ALA C 431 8.89 -3.37 11.79
N PRO C 432 9.11 -2.41 10.85
CA PRO C 432 9.52 -1.06 11.26
C PRO C 432 8.80 -0.39 12.42
N ARG C 433 7.47 -0.47 12.45
CA ARG C 433 6.70 0.16 13.51
C ARG C 433 5.74 -0.79 14.20
N ASP C 434 5.31 -1.82 13.48
CA ASP C 434 4.38 -2.81 14.00
C ASP C 434 5.05 -4.09 14.40
N MET C 435 4.56 -4.60 15.53
N MET C 435 4.21 -4.98 14.92
CA MET C 435 5.01 -5.84 16.17
CA MET C 435 4.63 -6.30 15.32
C MET C 435 3.83 -6.80 16.12
C MET C 435 3.45 -7.27 15.14
N HIS C 436 4.12 -8.03 15.72
N HIS C 436 3.66 -8.35 14.39
CA HIS C 436 3.09 -9.07 15.60
CA HIS C 436 2.63 -9.38 14.22
C HIS C 436 3.31 -10.16 16.61
C HIS C 436 2.93 -10.37 15.38
N HIS C 437 2.29 -10.42 17.41
N HIS C 437 2.25 -10.22 16.52
CA HIS C 437 2.37 -11.44 18.45
CA HIS C 437 2.43 -11.12 17.69
C HIS C 437 1.69 -12.71 17.95
C HIS C 437 1.65 -12.37 17.32
N VAL C 438 2.37 -13.46 17.07
CA VAL C 438 1.80 -14.71 16.58
C VAL C 438 1.81 -15.87 17.57
N ILE C 439 0.63 -16.20 18.08
CA ILE C 439 0.47 -17.29 19.03
C ILE C 439 -0.24 -18.46 18.35
N ASP C 440 0.37 -19.64 18.47
CA ASP C 440 -0.22 -20.85 17.95
C ASP C 440 -0.88 -21.59 19.12
N VAL C 441 -2.20 -21.51 19.23
CA VAL C 441 -2.88 -22.21 20.29
C VAL C 441 -3.06 -23.61 19.75
N LEU C 442 -2.14 -24.46 20.21
CA LEU C 442 -2.05 -25.88 19.85
C LEU C 442 -2.73 -26.75 20.87
N TYR C 443 -3.53 -27.70 20.36
CA TYR C 443 -4.26 -28.64 21.20
C TYR C 443 -4.48 -29.95 20.45
N ASP C 444 -5.08 -30.93 21.14
CA ASP C 444 -5.39 -32.24 20.57
C ASP C 444 -6.84 -32.26 20.18
N ARG C 445 -7.09 -32.22 18.88
CA ARG C 445 -8.46 -32.21 18.34
C ARG C 445 -9.23 -33.53 18.43
N THR C 446 -8.51 -34.64 18.67
CA THR C 446 -9.12 -35.98 18.79
C THR C 446 -9.74 -36.21 20.18
N ASN C 447 -9.28 -35.40 21.14
CA ASN C 447 -9.72 -35.41 22.53
C ASN C 447 -10.84 -34.36 22.59
N PRO C 448 -12.11 -34.80 22.77
CA PRO C 448 -13.26 -33.88 22.83
C PRO C 448 -13.29 -32.86 23.96
N GLU C 449 -12.62 -33.18 25.05
CA GLU C 449 -12.57 -32.31 26.22
C GLU C 449 -11.57 -31.16 26.00
N GLU C 450 -10.39 -31.47 25.46
CA GLU C 450 -9.36 -30.48 25.15
C GLU C 450 -9.84 -29.54 24.02
N THR C 451 -10.66 -30.10 23.11
CA THR C 451 -11.23 -29.38 21.98
C THR C 451 -12.22 -28.29 22.46
N LYS C 452 -13.04 -28.64 23.44
CA LYS C 452 -14.04 -27.74 24.01
C LYS C 452 -13.35 -26.63 24.81
N ARG C 453 -12.18 -26.93 25.37
CA ARG C 453 -11.42 -25.94 26.14
C ARG C 453 -10.67 -24.99 25.23
N ALA C 454 -10.26 -25.49 24.05
CA ALA C 454 -9.52 -24.69 23.07
C ALA C 454 -10.42 -23.60 22.47
N ASP C 455 -11.67 -23.95 22.22
CA ASP C 455 -12.67 -23.05 21.68
C ASP C 455 -12.93 -21.92 22.69
N ALA C 456 -12.99 -22.33 23.97
CA ALA C 456 -13.23 -21.43 25.09
C ALA C 456 -12.05 -20.51 25.32
N CYS C 457 -10.85 -21.08 25.17
CA CYS C 457 -9.60 -20.35 25.33
C CYS C 457 -9.47 -19.28 24.27
N PHE C 458 -9.86 -19.63 23.04
CA PHE C 458 -9.79 -18.70 21.92
C PHE C 458 -10.72 -17.50 22.13
N ASN C 459 -11.94 -17.75 22.57
CA ASN C 459 -12.92 -16.70 22.87
C ASN C 459 -12.42 -15.74 23.95
N GLU C 460 -11.83 -16.31 24.99
CA GLU C 460 -11.32 -15.52 26.10
C GLU C 460 -10.10 -14.71 25.71
N LEU C 461 -9.28 -15.20 24.78
CA LEU C 461 -8.09 -14.49 24.30
C LEU C 461 -8.54 -13.27 23.52
N LEU C 462 -9.65 -13.42 22.78
CA LEU C 462 -10.23 -12.31 22.02
C LEU C 462 -10.85 -11.27 22.97
N ASP C 463 -11.59 -11.74 23.98
CA ASP C 463 -12.21 -10.86 24.97
C ASP C 463 -11.15 -10.09 25.77
N GLU C 464 -10.17 -10.81 26.31
CA GLU C 464 -9.10 -10.21 27.11
C GLU C 464 -8.31 -9.15 26.39
N PHE C 465 -7.93 -9.46 25.16
CA PHE C 465 -7.16 -8.54 24.32
C PHE C 465 -7.97 -7.34 23.82
N GLU C 466 -9.25 -7.57 23.46
CA GLU C 466 -10.14 -6.52 22.98
C GLU C 466 -10.34 -5.47 24.10
N LYS C 467 -10.40 -5.94 25.35
CA LYS C 467 -10.55 -5.08 26.54
C LYS C 467 -9.40 -4.10 26.70
N GLU C 468 -8.18 -4.54 26.36
CA GLU C 468 -7.00 -3.70 26.46
C GLU C 468 -6.69 -2.96 25.17
N GLY C 469 -7.67 -2.92 24.27
CA GLY C 469 -7.53 -2.23 23.00
C GLY C 469 -6.87 -2.97 21.84
N TYR C 470 -6.67 -4.29 21.97
CA TYR C 470 -6.04 -5.06 20.89
C TYR C 470 -7.02 -5.89 20.09
N ALA C 471 -6.85 -5.90 18.78
CA ALA C 471 -7.68 -6.70 17.90
C ALA C 471 -6.78 -7.45 16.94
N VAL C 472 -7.26 -8.60 16.46
N VAL C 472 -7.27 -8.57 16.40
CA VAL C 472 -6.52 -9.43 15.52
CA VAL C 472 -6.47 -9.37 15.45
C VAL C 472 -6.83 -8.95 14.09
C VAL C 472 -6.63 -8.93 13.99
N TYR C 473 -5.90 -9.19 13.18
N TYR C 473 -5.64 -9.25 13.15
CA TYR C 473 -6.06 -8.75 11.79
CA TYR C 473 -5.65 -8.85 11.76
C TYR C 473 -6.27 -9.87 10.76
C TYR C 473 -6.24 -9.90 10.80
N ARG C 474 -6.43 -11.09 11.27
N ARG C 474 -6.17 -11.16 11.22
CA ARG C 474 -6.64 -12.30 10.48
CA ARG C 474 -6.61 -12.32 10.47
C ARG C 474 -7.07 -13.38 11.48
C ARG C 474 -7.04 -13.40 11.46
N VAL C 475 -8.08 -14.16 11.12
CA VAL C 475 -8.58 -15.20 12.01
C VAL C 475 -9.27 -16.32 11.28
N ASN C 476 -9.37 -17.46 11.94
CA ASN C 476 -10.06 -18.62 11.39
C ASN C 476 -11.54 -18.35 11.04
N THR C 477 -12.09 -19.16 10.13
CA THR C 477 -13.47 -18.99 9.66
C THR C 477 -14.57 -18.97 10.72
N ARG C 478 -14.34 -19.71 11.80
CA ARG C 478 -15.28 -19.82 12.92
C ARG C 478 -15.38 -18.53 13.73
N PHE C 479 -14.28 -17.80 13.84
CA PHE C 479 -14.28 -16.55 14.60
C PHE C 479 -14.27 -15.28 13.77
N GLN C 480 -14.57 -15.41 12.49
CA GLN C 480 -14.58 -14.28 11.56
C GLN C 480 -15.65 -13.23 11.78
N ASP C 481 -16.82 -13.65 12.24
CA ASP C 481 -17.91 -12.71 12.52
C ASP C 481 -17.64 -11.99 13.85
N ARG C 482 -17.04 -12.72 14.79
CA ARG C 482 -16.69 -12.20 16.11
C ARG C 482 -15.67 -11.07 16.04
N VAL C 483 -14.63 -11.27 15.25
CA VAL C 483 -13.55 -10.30 15.07
C VAL C 483 -14.03 -9.05 14.34
N ALA C 484 -15.02 -9.21 13.47
CA ALA C 484 -15.63 -8.11 12.74
C ALA C 484 -16.22 -7.09 13.73
N GLN C 485 -16.67 -7.59 14.88
CA GLN C 485 -17.26 -6.78 15.96
C GLN C 485 -16.23 -5.91 16.68
N SER C 486 -14.97 -6.31 16.65
CA SER C 486 -13.91 -5.56 17.35
C SER C 486 -13.65 -4.21 16.69
N TYR C 487 -14.00 -4.13 15.41
CA TYR C 487 -13.77 -2.93 14.61
C TYR C 487 -14.89 -1.91 14.53
N GLY C 488 -16.02 -2.24 15.18
CA GLY C 488 -17.13 -1.31 15.24
C GLY C 488 -18.25 -1.45 14.24
N PRO C 489 -19.43 -0.82 14.48
CA PRO C 489 -20.61 -0.85 13.60
C PRO C 489 -20.59 -0.09 12.26
N VAL C 490 -19.95 1.09 12.23
CA VAL C 490 -19.88 1.95 11.03
C VAL C 490 -19.16 1.25 9.89
N LYS C 491 -18.07 0.58 10.26
CA LYS C 491 -17.23 -0.22 9.36
C LYS C 491 -18.07 -1.32 8.75
N ARG C 492 -18.81 -2.03 9.61
CA ARG C 492 -19.67 -3.11 9.19
C ARG C 492 -20.81 -2.59 8.30
N LYS C 493 -21.33 -1.41 8.62
CA LYS C 493 -22.41 -0.81 7.84
C LYS C 493 -21.88 -0.46 6.44
N LEU C 494 -20.68 0.13 6.38
CA LEU C 494 -20.05 0.49 5.10
C LEU C 494 -19.74 -0.75 4.28
N GLU C 495 -19.28 -1.81 4.95
CA GLU C 495 -18.93 -3.06 4.28
C GLU C 495 -20.10 -3.81 3.68
N HIS C 496 -21.27 -3.70 4.31
CA HIS C 496 -22.48 -4.34 3.83
C HIS C 496 -23.15 -3.51 2.71
N ALA C 497 -22.84 -2.20 2.70
CA ALA C 497 -23.35 -1.27 1.71
C ALA C 497 -22.67 -1.57 0.38
N ILE C 498 -21.35 -1.77 0.42
CA ILE C 498 -20.56 -2.10 -0.77
C ILE C 498 -20.97 -3.50 -1.27
N LYS C 499 -21.24 -4.41 -0.33
CA LYS C 499 -21.65 -5.78 -0.63
C LYS C 499 -22.99 -5.87 -1.39
N ARG C 500 -23.94 -5.02 -1.01
CA ARG C 500 -25.26 -4.97 -1.66
C ARG C 500 -25.09 -4.45 -3.09
N ALA C 501 -24.10 -3.56 -3.28
CA ALA C 501 -23.81 -2.94 -4.57
C ALA C 501 -23.13 -3.81 -5.62
N VAL C 502 -22.23 -4.67 -5.16
CA VAL C 502 -21.48 -5.53 -6.06
C VAL C 502 -21.93 -6.98 -6.09
N ASP C 503 -22.68 -7.37 -5.07
CA ASP C 503 -23.19 -8.74 -4.93
C ASP C 503 -24.62 -8.66 -4.33
N PRO C 504 -25.64 -8.26 -5.15
CA PRO C 504 -27.03 -8.16 -4.67
C PRO C 504 -27.67 -9.49 -4.23
N ASN C 505 -27.25 -10.57 -4.87
CA ASN C 505 -27.75 -11.91 -4.60
C ASN C 505 -27.05 -12.71 -3.50
N ASN C 506 -26.03 -12.09 -2.88
CA ASN C 506 -25.25 -12.65 -1.76
C ASN C 506 -24.63 -14.02 -2.05
N ILE C 507 -24.13 -14.20 -3.28
CA ILE C 507 -23.54 -15.47 -3.69
C ILE C 507 -22.05 -15.61 -3.43
N LEU C 508 -21.35 -14.49 -3.40
CA LEU C 508 -19.89 -14.47 -3.19
C LEU C 508 -19.51 -14.60 -1.73
N ALA C 509 -19.14 -15.82 -1.34
CA ALA C 509 -18.70 -16.21 0.00
C ALA C 509 -19.30 -15.47 1.19
N PRO C 510 -20.64 -15.53 1.38
CA PRO C 510 -21.25 -14.82 2.51
C PRO C 510 -20.73 -15.32 3.83
N GLY C 511 -20.33 -14.38 4.69
CA GLY C 511 -19.79 -14.73 5.99
C GLY C 511 -18.31 -14.40 6.12
N ARG C 512 -17.60 -14.31 4.98
CA ARG C 512 -16.16 -13.99 4.91
C ARG C 512 -15.96 -12.62 5.55
N SER C 513 -15.11 -12.59 6.60
CA SER C 513 -14.80 -11.39 7.38
C SER C 513 -16.03 -10.70 7.99
N GLY C 514 -17.08 -11.50 8.20
CA GLY C 514 -18.31 -11.01 8.79
C GLY C 514 -19.24 -10.26 7.84
N ILE C 515 -18.96 -10.36 6.53
CA ILE C 515 -19.77 -9.69 5.50
C ILE C 515 -20.74 -10.71 4.90
N ASP C 516 -22.03 -10.51 5.20
CA ASP C 516 -23.12 -11.39 4.77
C ASP C 516 -24.37 -10.52 4.70
N LEU C 517 -25.12 -10.60 3.59
CA LEU C 517 -26.33 -9.77 3.46
C LEU C 517 -27.52 -10.20 4.33
N ASN C 518 -27.38 -11.35 5.00
CA ASN C 518 -28.40 -11.85 5.88
C ASN C 518 -28.23 -11.24 7.27
N ASN C 519 -27.24 -10.37 7.41
CA ASN C 519 -26.96 -9.65 8.65
C ASN C 519 -27.77 -8.36 8.60
N ASP C 520 -28.05 -7.76 9.76
CA ASP C 520 -28.84 -6.55 9.82
C ASP C 520 -27.99 -5.27 9.91
N PHE C 521 -27.35 -4.94 8.78
CA PHE C 521 -26.49 -3.74 8.65
C PHE C 521 -26.82 -3.00 7.37
N SER D 2 0.21 -37.17 -17.25
CA SER D 2 0.42 -37.28 -15.77
C SER D 2 0.67 -35.91 -15.10
N GLN D 3 -0.13 -35.63 -14.07
CA GLN D 3 -0.11 -34.39 -13.29
C GLN D 3 1.23 -33.99 -12.67
N TRP D 4 1.96 -34.96 -12.11
CA TRP D 4 3.27 -34.71 -11.50
C TRP D 4 4.39 -35.37 -12.29
N GLY D 5 3.98 -36.06 -13.37
CA GLY D 5 4.93 -36.76 -14.24
C GLY D 5 5.31 -38.15 -13.75
N SER D 6 6.09 -38.17 -12.68
CA SER D 6 6.54 -39.40 -12.06
C SER D 6 6.20 -39.41 -10.57
N GLY D 7 6.38 -40.57 -9.94
CA GLY D 7 6.11 -40.71 -8.52
C GLY D 7 7.20 -40.06 -7.68
N LYS D 8 8.43 -40.10 -8.19
CA LYS D 8 9.60 -39.50 -7.56
C LYS D 8 9.43 -37.97 -7.51
N ASN D 9 8.73 -37.45 -8.52
CA ASN D 9 8.50 -36.03 -8.62
C ASN D 9 7.54 -35.53 -7.54
N LEU D 10 6.37 -36.20 -7.41
CA LEU D 10 5.38 -35.85 -6.38
C LEU D 10 6.00 -35.94 -4.98
N TYR D 11 6.90 -36.90 -4.80
CA TYR D 11 7.56 -37.08 -3.53
C TYR D 11 8.53 -35.94 -3.26
N ASP D 12 9.31 -35.55 -4.26
CA ASP D 12 10.31 -34.48 -4.10
C ASP D 12 9.69 -33.09 -3.94
N LYS D 13 8.57 -32.87 -4.61
CA LYS D 13 7.91 -31.59 -4.60
C LYS D 13 6.91 -31.36 -3.46
N VAL D 14 6.23 -32.42 -3.02
CA VAL D 14 5.23 -32.31 -1.94
C VAL D 14 5.57 -33.11 -0.69
N CYS D 15 5.36 -34.43 -0.75
CA CYS D 15 5.56 -35.34 0.37
C CYS D 15 6.89 -35.30 1.10
N GLY D 16 7.98 -35.33 0.34
CA GLY D 16 9.32 -35.31 0.89
C GLY D 16 9.69 -34.16 1.82
N HIS D 17 8.99 -33.03 1.65
CA HIS D 17 9.22 -31.82 2.46
C HIS D 17 8.91 -31.99 3.92
N CYS D 18 8.12 -33.03 4.22
CA CYS D 18 7.76 -33.37 5.58
C CYS D 18 8.25 -34.78 5.93
N HIS D 19 8.18 -35.68 4.95
CA HIS D 19 8.55 -37.07 5.10
C HIS D 19 9.97 -37.58 4.92
N LYS D 20 10.83 -36.87 4.17
CA LYS D 20 12.24 -37.29 3.98
C LYS D 20 12.92 -37.44 5.36
N PRO D 21 13.65 -38.55 5.61
CA PRO D 21 14.33 -38.77 6.91
C PRO D 21 15.09 -37.62 7.55
N GLU D 22 15.69 -36.76 6.72
CA GLU D 22 16.45 -35.60 7.20
C GLU D 22 15.57 -34.50 7.78
N VAL D 23 14.32 -34.40 7.29
CA VAL D 23 13.36 -33.39 7.76
C VAL D 23 12.76 -33.92 9.08
N GLY D 24 11.88 -34.91 8.98
CA GLY D 24 11.28 -35.49 10.17
C GLY D 24 9.99 -34.93 10.75
N VAL D 25 9.16 -34.28 9.93
CA VAL D 25 7.87 -33.77 10.41
C VAL D 25 6.92 -34.97 10.44
N GLY D 26 7.08 -35.83 9.45
CA GLY D 26 6.28 -37.03 9.33
C GLY D 26 7.17 -38.26 9.36
N PRO D 27 6.62 -39.46 9.62
CA PRO D 27 7.43 -40.69 9.67
C PRO D 27 7.96 -41.08 8.31
N VAL D 28 9.03 -41.88 8.29
CA VAL D 28 9.65 -42.37 7.04
C VAL D 28 8.69 -43.31 6.29
N LEU D 29 8.54 -43.07 4.99
CA LEU D 29 7.65 -43.87 4.14
C LEU D 29 8.46 -44.72 3.17
N GLU D 30 9.74 -44.37 3.04
CA GLU D 30 10.70 -45.02 2.15
C GLU D 30 10.99 -46.48 2.51
N GLY D 31 10.58 -47.38 1.61
CA GLY D 31 10.78 -48.81 1.78
C GLY D 31 10.14 -49.49 2.96
N ARG D 32 8.91 -49.06 3.26
CA ARG D 32 8.17 -49.63 4.39
C ARG D 32 7.06 -50.55 3.91
N GLY D 33 6.86 -50.56 2.60
CA GLY D 33 5.85 -51.40 1.96
C GLY D 33 4.40 -51.10 2.25
N LEU D 34 4.09 -49.83 2.50
CA LEU D 34 2.72 -49.44 2.79
C LEU D 34 1.82 -49.57 1.58
N PRO D 35 0.66 -50.24 1.73
CA PRO D 35 -0.30 -50.42 0.63
C PRO D 35 -0.74 -49.10 0.00
N GLU D 36 -1.03 -49.14 -1.31
CA GLU D 36 -1.50 -47.98 -2.08
C GLU D 36 -2.85 -47.50 -1.54
N ALA D 37 -3.72 -48.44 -1.18
CA ALA D 37 -5.04 -48.14 -0.64
C ALA D 37 -5.00 -47.38 0.68
N TYR D 38 -3.91 -47.55 1.43
CA TYR D 38 -3.72 -46.86 2.70
C TYR D 38 -3.22 -45.44 2.43
N ILE D 39 -2.21 -45.32 1.57
CA ILE D 39 -1.61 -44.04 1.16
C ILE D 39 -2.68 -43.13 0.54
N LYS D 40 -3.68 -43.71 -0.11
CA LYS D 40 -4.79 -42.96 -0.71
C LYS D 40 -5.76 -42.43 0.34
N ASP D 41 -6.02 -43.22 1.39
CA ASP D 41 -6.96 -42.80 2.42
C ASP D 41 -6.39 -41.75 3.37
N ILE D 42 -5.08 -41.82 3.63
CA ILE D 42 -4.40 -40.83 4.46
C ILE D 42 -4.34 -39.51 3.69
N VAL D 43 -4.01 -39.54 2.40
CA VAL D 43 -3.93 -38.32 1.61
C VAL D 43 -5.30 -37.67 1.41
N ARG D 44 -6.33 -38.47 1.17
CA ARG D 44 -7.67 -37.94 0.96
C ARG D 44 -8.40 -37.51 2.25
N ASN D 45 -8.08 -38.14 3.37
CA ASN D 45 -8.75 -37.78 4.62
C ASN D 45 -7.88 -36.88 5.45
N GLY D 46 -6.56 -37.06 5.34
CA GLY D 46 -5.64 -36.33 6.17
C GLY D 46 -5.58 -37.16 7.45
N PHE D 47 -4.53 -36.99 8.23
CA PHE D 47 -4.43 -37.75 9.45
C PHE D 47 -3.82 -36.92 10.56
N ARG D 48 -4.68 -36.42 11.44
CA ARG D 48 -4.30 -35.59 12.60
C ARG D 48 -3.39 -34.41 12.19
N ALA D 49 -2.09 -34.48 12.46
CA ALA D 49 -1.16 -33.39 12.10
C ALA D 49 -0.98 -33.22 10.59
N MET D 50 -1.18 -34.31 9.85
CA MET D 50 -1.05 -34.31 8.41
C MET D 50 -2.27 -33.74 7.67
N PRO D 51 -2.04 -32.82 6.71
CA PRO D 51 -3.18 -32.26 5.99
C PRO D 51 -3.71 -33.19 4.90
N ALA D 52 -4.86 -32.83 4.36
CA ALA D 52 -5.49 -33.56 3.27
C ALA D 52 -5.23 -32.82 1.97
N PHE D 53 -5.05 -33.58 0.89
CA PHE D 53 -4.85 -33.00 -0.44
C PHE D 53 -6.00 -33.45 -1.34
N PRO D 54 -6.74 -32.48 -1.95
CA PRO D 54 -7.85 -32.85 -2.84
C PRO D 54 -7.32 -33.41 -4.15
N ALA D 55 -8.21 -34.04 -4.92
CA ALA D 55 -7.86 -34.63 -6.22
C ALA D 55 -7.25 -33.61 -7.19
N SER D 56 -7.73 -32.36 -7.11
CA SER D 56 -7.23 -31.25 -7.93
C SER D 56 -5.75 -30.94 -7.67
N TYR D 57 -5.28 -31.23 -6.47
CA TYR D 57 -3.90 -30.99 -6.07
C TYR D 57 -3.04 -32.21 -6.40
N VAL D 58 -3.47 -33.38 -5.91
CA VAL D 58 -2.78 -34.67 -6.13
C VAL D 58 -3.86 -35.68 -6.56
N ASP D 59 -3.92 -35.97 -7.86
CA ASP D 59 -4.91 -36.93 -8.41
C ASP D 59 -4.65 -38.43 -8.06
N ASP D 60 -5.66 -39.28 -8.25
CA ASP D 60 -5.56 -40.73 -7.95
C ASP D 60 -4.37 -41.42 -8.62
N GLU D 61 -4.08 -41.02 -9.87
CA GLU D 61 -3.01 -41.60 -10.65
C GLU D 61 -1.61 -41.32 -10.09
N SER D 62 -1.42 -40.12 -9.56
CA SER D 62 -0.12 -39.71 -8.98
C SER D 62 0.09 -40.39 -7.63
N LEU D 63 -1.04 -40.77 -7.02
CA LEU D 63 -1.04 -41.47 -5.74
C LEU D 63 -0.53 -42.91 -5.90
N THR D 64 -0.92 -43.54 -7.02
CA THR D 64 -0.50 -44.90 -7.40
C THR D 64 1.01 -44.89 -7.69
N GLN D 65 1.46 -43.86 -8.41
CA GLN D 65 2.86 -43.68 -8.76
C GLN D 65 3.76 -43.49 -7.54
N VAL D 66 3.32 -42.64 -6.58
CA VAL D 66 4.09 -42.38 -5.36
C VAL D 66 4.13 -43.62 -4.45
N ALA D 67 3.03 -44.36 -4.42
CA ALA D 67 2.93 -45.59 -3.65
C ALA D 67 3.98 -46.58 -4.15
N GLU D 68 4.04 -46.72 -5.48
CA GLU D 68 5.00 -47.61 -6.15
C GLU D 68 6.46 -47.19 -6.00
N TYR D 69 6.71 -45.88 -5.99
CA TYR D 69 8.06 -45.36 -5.84
C TYR D 69 8.58 -45.61 -4.41
N LEU D 70 7.68 -45.51 -3.44
CA LEU D 70 8.00 -45.69 -2.02
C LEU D 70 8.38 -47.11 -1.64
N SER D 71 7.67 -48.09 -2.21
CA SER D 71 7.93 -49.51 -1.98
C SER D 71 9.30 -49.95 -2.52
N SER D 72 9.64 -49.49 -3.73
CA SER D 72 10.89 -49.79 -4.43
C SER D 72 12.21 -49.26 -3.83
N LEU D 73 12.12 -48.42 -2.80
CA LEU D 73 13.30 -47.85 -2.15
C LEU D 73 13.75 -48.65 -0.92
N PRO D 74 15.04 -48.56 -0.52
CA PRO D 74 15.51 -49.29 0.67
C PRO D 74 15.09 -48.66 2.03
CL CL E . -4.75 24.88 -11.85
PA FAD F . -5.39 20.01 -1.93
O1A FAD F . -5.83 20.51 -0.64
O2A FAD F . -5.45 20.93 -3.07
O5B FAD F . -6.20 18.66 -2.14
C5B FAD F . -5.91 18.00 -3.41
C4B FAD F . -7.12 17.30 -3.88
O4B FAD F . -7.45 16.27 -2.90
C3B FAD F . -8.33 18.19 -3.87
O3B FAD F . -8.43 18.97 -4.99
C2B FAD F . -9.50 17.28 -3.75
O2B FAD F . -9.99 16.73 -4.95
C1B FAD F . -8.91 16.23 -2.78
N9A FAD F . -9.39 16.60 -1.40
C8A FAD F . -8.59 17.35 -0.55
N7A FAD F . -8.76 17.18 0.68
C5A FAD F . -9.74 16.24 0.74
C6A FAD F . -10.45 15.65 1.84
N6A FAD F . -10.15 16.01 3.09
N1A FAD F . -11.43 14.72 1.58
C2A FAD F . -11.68 14.41 0.29
N3A FAD F . -11.08 14.90 -0.83
C4A FAD F . -10.11 15.83 -0.52
N1 FAD F . 2.54 17.59 -6.86
C2 FAD F . 3.06 16.41 -6.47
O2 FAD F . 2.40 15.50 -6.00
N3 FAD F . 4.42 16.32 -6.64
C4 FAD F . 5.27 17.21 -7.31
O4 FAD F . 6.42 16.85 -7.48
C4X FAD F . 4.72 18.47 -7.59
N5 FAD F . 5.62 19.40 -8.06
C5X FAD F . 5.02 20.63 -8.30
C6 FAD F . 5.90 21.66 -8.75
C7 FAD F . 5.45 22.90 -9.01
C7M FAD F . 6.39 23.95 -9.47
C8 FAD F . 4.04 23.20 -8.83
C8M FAD F . 3.48 24.48 -9.14
C9 FAD F . 3.18 22.25 -8.41
C9A FAD F . 3.62 20.94 -8.12
N10 FAD F . 2.75 19.89 -7.62
C10 FAD F . 3.34 18.59 -7.34
C1' FAD F . 1.27 20.11 -7.40
C2' FAD F . 0.97 20.41 -5.91
O2' FAD F . 0.34 21.67 -5.83
C3' FAD F . 0.10 19.28 -5.31
O3' FAD F . 0.71 18.05 -5.31
C4' FAD F . -0.30 19.34 -3.86
O4' FAD F . 0.55 19.91 -2.86
C5' FAD F . -1.72 19.78 -3.97
O5' FAD F . -1.99 20.72 -3.01
P FAD F . -2.66 20.40 -1.65
O1P FAD F . -3.18 21.73 -1.22
O2P FAD F . -1.62 19.74 -0.86
O3P FAD F . -3.89 19.47 -1.77
FE HEC G . 3.36 37.44 -4.49
CHA HEC G . 3.63 39.39 -7.26
CHB HEC G . 2.12 40.06 -2.69
CHC HEC G . 3.02 35.41 -1.72
CHD HEC G . 4.68 34.83 -6.19
NA HEC G . 2.94 39.38 -4.90
C1A HEC G . 3.11 40.00 -6.11
C2A HEC G . 2.69 41.40 -5.97
C3A HEC G . 2.27 41.58 -4.71
C4A HEC G . 2.43 40.32 -4.00
CMA HEC G . 1.74 42.87 -4.07
CAA HEC G . 2.75 42.43 -7.11
CBA HEC G . 4.15 43.04 -7.14
CGA HEC G . 4.30 44.22 -8.08
O1A HEC G . 5.46 44.75 -8.10
O2A HEC G . 3.32 44.58 -8.75
NB HEC G . 2.71 37.68 -2.58
C1B HEC G . 2.25 38.87 -2.03
C2B HEC G . 1.90 38.66 -0.64
C3B HEC G . 2.14 37.35 -0.37
C4B HEC G . 2.64 36.74 -1.56
CMB HEC G . 1.38 39.76 0.29
CAB HEC G . 1.97 36.58 0.95
CBB HEC G . 0.51 36.56 1.47
NC HEC G . 3.76 35.52 -4.07
C1C HEC G . 3.55 34.85 -2.86
C2C HEC G . 4.00 33.47 -2.95
C3C HEC G . 4.49 33.33 -4.19
C4C HEC G . 4.33 34.58 -4.88
CMC HEC G . 3.93 32.43 -1.79
CAC HEC G . 5.16 32.11 -4.84
CBC HEC G . 4.30 30.86 -5.00
ND HEC G . 4.01 37.15 -6.34
C1D HEC G . 4.53 35.98 -6.89
C2D HEC G . 4.88 36.18 -8.27
C3D HEC G . 4.57 37.45 -8.59
C4D HEC G . 4.04 38.07 -7.39
CMD HEC G . 5.48 35.09 -9.21
CAD HEC G . 4.76 38.07 -9.96
CBD HEC G . 3.43 37.82 -10.74
CGD HEC G . 3.47 38.34 -12.13
O1D HEC G . 3.80 39.53 -12.35
O2D HEC G . 3.16 37.51 -13.01
CL CL H . -7.77 -24.76 9.96
PA FAD I . -5.58 -20.00 0.30
O1A FAD I . -5.58 -20.58 -1.03
O2A FAD I . -6.01 -20.86 1.39
O5B FAD I . -6.43 -18.62 0.23
C5B FAD I . -6.56 -17.91 1.50
C4B FAD I . -7.85 -17.21 1.63
O4B FAD I . -7.89 -16.21 0.59
C3B FAD I . -9.03 -18.09 1.33
O3B FAD I . -9.47 -18.82 2.41
C2B FAD I . -10.13 -17.19 0.87
O2B FAD I . -10.95 -16.63 1.89
C1B FAD I . -9.29 -16.17 0.07
N9A FAD I . -9.37 -16.59 -1.36
C8A FAD I . -8.33 -17.37 -1.92
N7A FAD I . -8.12 -17.24 -3.14
C5A FAD I . -9.04 -16.31 -3.52
C6A FAD I . -9.36 -15.78 -4.78
N6A FAD I . -8.69 -16.20 -5.86
N1A FAD I . -10.37 -14.85 -4.88
C2A FAD I . -11.00 -14.48 -3.74
N3A FAD I . -10.79 -14.93 -2.48
C4A FAD I . -9.78 -15.87 -2.44
N1 FAD I . 0.60 -17.60 7.17
C2 FAD I . 1.16 -16.39 6.97
O2 FAD I . 0.64 -15.50 6.35
N3 FAD I . 2.40 -16.24 7.56
C4 FAD I . 3.08 -17.14 8.38
O4 FAD I . 4.14 -16.77 8.84
C4X FAD I . 2.51 -18.44 8.49
N5 FAD I . 3.27 -19.37 9.18
C5X FAD I . 2.65 -20.60 9.22
C6 FAD I . 3.37 -21.62 9.87
C7 FAD I . 2.88 -22.90 9.96
C7M FAD I . 3.66 -23.95 10.65
C8 FAD I . 1.59 -23.18 9.40
C8M FAD I . 0.94 -24.47 9.55
C9 FAD I . 0.87 -22.23 8.77
C9A FAD I . 1.36 -20.93 8.64
N10 FAD I . 0.64 -19.90 7.95
C10 FAD I . 1.24 -18.59 7.85
C1' FAD I . -0.71 -20.17 7.31
C2' FAD I . -0.63 -20.37 5.80
O2' FAD I . -1.16 -21.65 5.51
C3' FAD I . -1.37 -19.23 5.04
O3' FAD I . -0.88 -17.95 5.24
C4' FAD I . -1.39 -19.22 3.53
O4' FAD I . -0.29 -19.70 2.77
C5' FAD I . -2.73 -19.77 3.26
O5' FAD I . -2.66 -20.67 2.27
P FAD I . -2.94 -20.37 0.78
O1P FAD I . -3.28 -21.69 0.18
O2P FAD I . -1.71 -19.69 0.33
O3P FAD I . -4.14 -19.46 0.58
FE HEC J . 2.15 -37.44 5.33
CHA HEC J . 1.67 -39.40 8.09
CHB HEC J . 1.50 -40.11 3.31
CHC HEC J . 2.55 -35.47 2.56
CHD HEC J . 2.90 -34.80 7.28
NA HEC J . 1.67 -39.41 5.63
C1A HEC J . 1.52 -40.03 6.86
C2A HEC J . 1.16 -41.43 6.63
C3A HEC J . 1.11 -41.62 5.30
C4A HEC J . 1.43 -40.36 4.65
CMA HEC J . 0.77 -42.93 4.55
CAA HEC J . 0.91 -42.46 7.74
CBA HEC J . 2.17 -43.32 7.97
CGA HEC J . 2.11 -44.27 9.14
O1A HEC J . 3.23 -44.46 9.75
O2A HEC J . 1.02 -44.79 9.43
NB HEC J . 2.07 -37.73 3.33
C1B HEC J . 1.78 -38.92 2.69
C2B HEC J . 1.84 -38.73 1.25
C3B HEC J . 2.12 -37.42 1.04
C4B HEC J . 2.26 -36.80 2.33
CMB HEC J . 1.60 -39.82 0.21
CAB HEC J . 2.29 -36.65 -0.30
CBB HEC J . 1.03 -36.63 -1.18
NC HEC J . 2.61 -35.53 5.00
C1C HEC J . 2.73 -34.90 3.78
C2C HEC J . 3.11 -33.50 3.96
C3C HEC J . 3.24 -33.31 5.28
C4C HEC J . 2.92 -34.57 5.93
CMC HEC J . 3.33 -32.49 2.79
CAC HEC J . 3.67 -32.06 6.05
CBC HEC J . 2.73 -30.86 5.94
ND HEC J . 2.26 -37.15 7.28
C1D HEC J . 2.59 -35.96 7.93
C2D HEC J . 2.56 -36.14 9.36
C3D HEC J . 2.20 -37.44 9.59
C4D HEC J . 2.02 -38.07 8.31
CMD HEC J . 2.88 -35.03 10.39
CAD HEC J . 2.01 -38.07 10.97
CBD HEC J . 0.57 -37.71 11.47
CGD HEC J . 0.23 -38.24 12.84
O1D HEC J . -0.60 -37.62 13.51
O2D HEC J . 0.85 -39.27 13.21
#